data_4GMC
#
_entry.id   4GMC
#
_cell.length_a   104.240
_cell.length_b   106.260
_cell.length_c   133.330
_cell.angle_alpha   90.00
_cell.angle_beta   90.00
_cell.angle_gamma   90.00
#
_symmetry.space_group_name_H-M   'P 21 21 21'
#
loop_
_entity.id
_entity.type
_entity.pdbx_description
1 polymer 'NS5B polymerase'
2 non-polymer 'SULFATE ION'
3 non-polymer 3-cyclohexyl-2-(furan-3-yl)-1-[2-(morpholin-4-yl)-2-oxoethyl]-N-(phenylsulfonyl)-1H-indole-6-carboxamide
4 water water
#
_entity_poly.entity_id   1
_entity_poly.type   'polypeptide(L)'
_entity_poly.pdbx_seq_one_letter_code
;SMSYTWTGALITPCAAEESKLPINPLSNSLLRHHNMVYATTSRSASLRQKKVTFDRLQVLDDHYRDVLKEMKAKASTVKA
KLLSIEEACKLTPPHSAKSKFGYGAKDVRNLSSRAVNHIRSVWEDLLEDTETPIDTTIMAKSEVFCVQPEKGGRKPARLI
VFPDLGVRVCEKMALYDVVSTLPQAVMGSSYGFQYSPKQRVEFLVNTWKSKKCPMGFSYDTRCFDSTVTESDIRVEESIY
QCCDLAPEARQAIRSLTERLYIGGPLTNSKGQNCGYRRCRASGVLTTSCGNTLTCYLKATAACRAAKLQDCTMLVNGDDL
VVICESAGTQEDAAALRAFTEAMTRYSAPPGDPPQPEYDLELITSCSSNVSVAHDASGKRVYYLTRDPTTPLARAAWETA
RHTPINSWLGNIIMYAPTLWARMILMTHFFSILLAQEQLEKALDCQIYGACYSIEPLDLPQIIERLHGLSAFTLHSYSPG
EINRVASCLRKLGVPPLRTWRHRARSVRAKLLSQGGRAATCGRYLFNWAVRTKLKLTPIPAASQLDLSGWFVAGYSGGDI
YHSLSRARPRHHHHHH
;
_entity_poly.pdbx_strand_id   A,B
#
loop_
_chem_comp.id
_chem_comp.type
_chem_comp.name
_chem_comp.formula
1BI non-polymer 3-cyclohexyl-2-(furan-3-yl)-1-[2-(morpholin-4-yl)-2-oxoethyl]-N-(phenylsulfonyl)-1H-indole-6-carboxamide 'C31 H33 N3 O6 S'
SO4 non-polymer 'SULFATE ION' 'O4 S -2'
#
# COMPACT_ATOMS: atom_id res chain seq x y z
N SER A 1 -23.45 11.18 3.47
CA SER A 1 -24.35 10.73 4.56
C SER A 1 -24.22 11.71 5.70
N MET A 2 -25.16 11.67 6.64
CA MET A 2 -25.10 12.56 7.78
C MET A 2 -23.83 12.32 8.55
N SER A 3 -23.12 13.40 8.87
CA SER A 3 -21.89 13.31 9.63
C SER A 3 -22.23 12.73 11.00
N TYR A 4 -23.41 13.09 11.50
CA TYR A 4 -23.87 12.62 12.80
C TYR A 4 -25.37 12.35 12.83
N THR A 5 -25.77 11.49 13.77
CA THR A 5 -27.17 11.15 13.99
C THR A 5 -27.34 11.11 15.50
N TRP A 6 -28.39 11.74 16.01
CA TRP A 6 -28.58 11.76 17.46
C TRP A 6 -29.86 11.09 17.92
N THR A 7 -29.76 10.39 19.04
CA THR A 7 -30.89 9.69 19.61
C THR A 7 -31.78 10.71 20.32
N GLY A 8 -31.13 11.71 20.92
CA GLY A 8 -31.86 12.73 21.64
C GLY A 8 -31.21 12.94 23.00
N ALA A 9 -30.55 11.91 23.51
CA ALA A 9 -29.86 11.99 24.79
C ALA A 9 -28.82 13.10 24.72
N LEU A 10 -28.52 13.68 25.87
CA LEU A 10 -27.58 14.79 25.89
C LEU A 10 -26.12 14.46 26.14
N ILE A 11 -25.25 15.30 25.59
CA ILE A 11 -23.82 15.13 25.83
C ILE A 11 -23.67 15.62 27.27
N THR A 12 -23.26 14.74 28.16
CA THR A 12 -23.15 15.07 29.56
C THR A 12 -21.73 15.13 30.13
N PRO A 13 -21.56 15.81 31.27
CA PRO A 13 -20.29 15.98 31.97
C PRO A 13 -20.18 14.95 33.10
N CYS A 14 -18.98 14.69 33.58
CA CYS A 14 -18.79 13.75 34.69
C CYS A 14 -18.94 14.57 35.95
N ALA A 15 -17.97 15.46 36.14
CA ALA A 15 -17.92 16.34 37.31
C ALA A 15 -18.40 17.73 36.93
N ALA A 16 -18.43 18.62 37.93
CA ALA A 16 -18.85 20.01 37.75
C ALA A 16 -17.99 20.67 36.67
N GLU A 17 -18.47 21.82 36.18
CA GLU A 17 -17.75 22.54 35.15
C GLU A 17 -17.61 24.01 35.50
N GLU A 18 -16.37 24.43 35.75
CA GLU A 18 -16.10 25.82 36.07
C GLU A 18 -16.11 26.56 34.73
N SER A 19 -16.84 27.66 34.66
CA SER A 19 -16.92 28.43 33.43
C SER A 19 -16.43 29.86 33.61
N LYS A 20 -16.54 30.35 34.84
CA LYS A 20 -16.12 31.71 35.12
C LYS A 20 -14.72 31.76 35.72
N LEU A 21 -13.98 32.79 35.35
CA LEU A 21 -12.62 33.00 35.85
C LEU A 21 -12.70 33.54 37.27
N PRO A 22 -12.14 32.80 38.23
CA PRO A 22 -12.14 33.18 39.65
C PRO A 22 -11.49 34.55 39.92
N ILE A 23 -11.77 35.10 41.10
CA ILE A 23 -11.20 36.38 41.50
C ILE A 23 -9.99 36.07 42.40
N ASN A 24 -8.89 35.68 41.77
CA ASN A 24 -7.67 35.30 42.47
C ASN A 24 -6.60 36.38 42.41
N PRO A 25 -5.96 36.69 43.56
CA PRO A 25 -4.93 37.73 43.56
C PRO A 25 -3.79 37.48 42.55
N LEU A 26 -3.33 36.23 42.48
CA LEU A 26 -2.26 35.85 41.55
C LEU A 26 -2.61 36.05 40.08
N SER A 27 -3.81 35.62 39.68
CA SER A 27 -4.24 35.79 38.30
C SER A 27 -4.61 37.23 38.02
N ASN A 28 -5.11 37.92 39.05
CA ASN A 28 -5.54 39.31 38.90
C ASN A 28 -4.42 40.30 38.62
N SER A 29 -3.20 39.98 39.01
CA SER A 29 -2.10 40.91 38.75
C SER A 29 -1.74 40.77 37.27
N LEU A 30 -2.29 39.74 36.63
CA LEU A 30 -2.06 39.46 35.21
C LEU A 30 -3.17 39.96 34.28
N LEU A 31 -4.42 39.75 34.67
CA LEU A 31 -5.56 40.14 33.83
C LEU A 31 -6.73 40.56 34.73
N ARG A 32 -6.98 41.87 34.79
CA ARG A 32 -8.03 42.42 35.65
C ARG A 32 -9.47 42.19 35.20
N HIS A 33 -9.71 42.24 33.89
CA HIS A 33 -11.04 42.05 33.33
C HIS A 33 -11.45 40.57 33.28
N HIS A 34 -11.51 39.94 34.45
CA HIS A 34 -11.84 38.53 34.56
C HIS A 34 -13.17 38.07 33.97
N ASN A 35 -14.14 38.96 33.84
CA ASN A 35 -15.43 38.57 33.26
C ASN A 35 -15.39 38.38 31.74
N MET A 36 -14.24 38.64 31.13
CA MET A 36 -14.14 38.45 29.69
C MET A 36 -13.51 37.09 29.38
N VAL A 37 -13.13 36.38 30.43
CA VAL A 37 -12.51 35.07 30.29
C VAL A 37 -13.50 33.98 30.68
N TYR A 38 -13.86 33.13 29.72
CA TYR A 38 -14.79 32.03 30.01
C TYR A 38 -14.22 30.71 29.53
N ALA A 39 -14.90 29.64 29.91
CA ALA A 39 -14.48 28.30 29.51
C ALA A 39 -15.72 27.61 28.97
N THR A 40 -15.59 26.93 27.82
CA THR A 40 -16.72 26.21 27.27
C THR A 40 -17.10 25.05 28.22
N THR A 41 -18.35 24.64 28.19
CA THR A 41 -18.82 23.54 29.04
C THR A 41 -19.84 22.77 28.22
N SER A 42 -20.32 21.65 28.75
CA SER A 42 -21.30 20.83 28.03
C SER A 42 -22.58 21.62 27.77
N ARG A 43 -22.85 22.61 28.61
CA ARG A 43 -24.05 23.42 28.48
C ARG A 43 -24.25 24.01 27.09
N SER A 44 -23.20 24.07 26.29
CA SER A 44 -23.34 24.62 24.94
C SER A 44 -23.16 23.57 23.86
N ALA A 45 -22.97 22.33 24.27
CA ALA A 45 -22.78 21.22 23.33
C ALA A 45 -23.82 21.24 22.21
N SER A 46 -25.06 21.40 22.62
CA SER A 46 -26.20 21.47 21.71
C SER A 46 -25.91 22.33 20.48
N LEU A 47 -25.33 23.49 20.72
CA LEU A 47 -25.00 24.44 19.64
C LEU A 47 -23.98 23.92 18.66
N ARG A 48 -23.00 23.19 19.19
CA ARG A 48 -21.93 22.62 18.37
C ARG A 48 -22.49 21.48 17.53
N GLN A 49 -23.36 20.69 18.13
CA GLN A 49 -23.97 19.57 17.45
C GLN A 49 -24.71 20.06 16.22
N LYS A 50 -25.50 21.11 16.41
CA LYS A 50 -26.27 21.67 15.32
C LYS A 50 -25.39 22.09 14.16
N LYS A 51 -24.16 22.47 14.47
CA LYS A 51 -23.24 22.94 13.43
C LYS A 51 -22.40 21.86 12.77
N VAL A 52 -22.05 20.83 13.52
CA VAL A 52 -21.22 19.76 12.98
C VAL A 52 -22.06 18.66 12.34
N THR A 53 -23.38 18.77 12.46
CA THR A 53 -24.27 17.77 11.89
C THR A 53 -24.81 18.28 10.57
N PHE A 54 -24.51 17.56 9.50
CA PHE A 54 -24.98 17.94 8.19
C PHE A 54 -24.67 16.83 7.21
N ASP A 55 -25.25 16.93 6.03
CA ASP A 55 -25.07 15.92 5.01
C ASP A 55 -23.90 16.29 4.11
N ARG A 56 -22.96 15.34 3.95
CA ARG A 56 -21.77 15.57 3.14
C ARG A 56 -21.94 15.28 1.65
N LEU A 57 -21.45 16.21 0.83
CA LEU A 57 -21.50 16.07 -0.62
C LEU A 57 -20.06 15.84 -1.09
N GLN A 58 -19.86 14.83 -1.95
CA GLN A 58 -18.52 14.57 -2.46
C GLN A 58 -18.50 14.01 -3.88
N VAL A 59 -17.75 14.65 -4.76
CA VAL A 59 -17.63 14.21 -6.13
C VAL A 59 -16.15 14.17 -6.46
N LEU A 60 -15.61 12.97 -6.66
CA LEU A 60 -14.19 12.84 -6.96
C LEU A 60 -13.92 13.03 -8.43
N ASP A 61 -12.68 13.33 -8.78
CA ASP A 61 -12.33 13.51 -10.18
C ASP A 61 -10.93 13.02 -10.48
N ASP A 62 -10.54 13.11 -11.75
CA ASP A 62 -9.23 12.66 -12.20
C ASP A 62 -8.12 13.32 -11.42
N HIS A 63 -8.25 14.62 -11.18
CA HIS A 63 -7.23 15.33 -10.42
C HIS A 63 -7.02 14.63 -9.07
N TYR A 64 -8.13 14.34 -8.39
CA TYR A 64 -8.08 13.70 -7.09
C TYR A 64 -7.37 12.36 -7.18
N ARG A 65 -7.76 11.56 -8.16
CA ARG A 65 -7.19 10.24 -8.33
C ARG A 65 -5.74 10.27 -8.78
N ASP A 66 -5.33 11.31 -9.51
CA ASP A 66 -3.95 11.36 -9.91
C ASP A 66 -3.13 11.66 -8.65
N VAL A 67 -3.57 12.65 -7.88
CA VAL A 67 -2.85 13.02 -6.66
C VAL A 67 -2.80 11.85 -5.68
N LEU A 68 -3.88 11.07 -5.59
CA LEU A 68 -3.89 9.92 -4.70
C LEU A 68 -2.86 8.88 -5.14
N LYS A 69 -2.76 8.64 -6.45
CA LYS A 69 -1.79 7.68 -6.98
C LYS A 69 -0.38 8.17 -6.67
N GLU A 70 -0.14 9.46 -6.81
CA GLU A 70 1.19 10.00 -6.51
C GLU A 70 1.58 9.75 -5.06
N MET A 71 0.64 9.99 -4.14
CA MET A 71 0.88 9.80 -2.71
C MET A 71 1.09 8.33 -2.36
N LYS A 72 0.29 7.45 -2.95
CA LYS A 72 0.41 6.02 -2.68
C LYS A 72 1.81 5.56 -3.07
N ALA A 73 2.32 6.07 -4.18
CA ALA A 73 3.64 5.70 -4.68
C ALA A 73 4.71 5.98 -3.64
N LYS A 74 4.58 7.09 -2.94
CA LYS A 74 5.55 7.43 -1.92
C LYS A 74 5.34 6.57 -0.69
N ALA A 75 4.07 6.29 -0.38
CA ALA A 75 3.70 5.48 0.76
C ALA A 75 4.35 4.12 0.64
N SER A 76 4.47 3.63 -0.58
CA SER A 76 5.07 2.33 -0.87
C SER A 76 6.48 2.17 -0.33
N THR A 77 7.19 3.29 -0.19
CA THR A 77 8.57 3.22 0.29
C THR A 77 8.67 3.05 1.79
N VAL A 78 7.57 3.22 2.49
CA VAL A 78 7.58 3.11 3.95
C VAL A 78 7.50 1.68 4.51
N LYS A 79 8.21 1.47 5.62
CA LYS A 79 8.23 0.19 6.32
C LYS A 79 7.95 0.46 7.79
N ALA A 80 6.72 0.20 8.23
CA ALA A 80 6.33 0.46 9.62
C ALA A 80 6.43 -0.75 10.54
N LYS A 81 6.90 -0.50 11.76
CA LYS A 81 7.07 -1.55 12.77
C LYS A 81 5.89 -1.55 13.71
N LEU A 82 5.58 -2.72 14.24
CA LEU A 82 4.49 -2.90 15.18
C LEU A 82 5.11 -2.61 16.54
N LEU A 83 4.42 -1.86 17.39
CA LEU A 83 4.99 -1.55 18.69
C LEU A 83 4.69 -2.65 19.70
N SER A 84 5.59 -2.83 20.66
CA SER A 84 5.42 -3.83 21.71
C SER A 84 4.41 -3.27 22.70
N ILE A 85 3.73 -4.13 23.46
CA ILE A 85 2.79 -3.61 24.43
C ILE A 85 3.50 -2.62 25.35
N GLU A 86 4.75 -2.92 25.69
CA GLU A 86 5.52 -2.06 26.56
C GLU A 86 5.65 -0.67 25.94
N GLU A 87 6.23 -0.62 24.74
CA GLU A 87 6.42 0.64 24.00
C GLU A 87 5.14 1.49 23.92
N ALA A 88 4.02 0.85 23.60
CA ALA A 88 2.74 1.56 23.49
C ALA A 88 2.25 2.02 24.85
N CYS A 89 2.54 1.25 25.87
CA CYS A 89 2.11 1.63 27.21
C CYS A 89 2.86 2.88 27.68
N LYS A 90 4.16 2.92 27.40
CA LYS A 90 4.99 4.03 27.81
C LYS A 90 4.61 5.33 27.09
N LEU A 91 3.77 5.20 26.07
CA LEU A 91 3.34 6.36 25.32
C LEU A 91 2.08 6.94 25.97
N THR A 92 1.34 6.10 26.67
CA THR A 92 0.11 6.53 27.33
C THR A 92 0.36 7.65 28.33
N PRO A 93 -0.35 8.78 28.19
CA PRO A 93 -0.13 9.87 29.16
C PRO A 93 -0.60 9.43 30.55
N PRO A 94 0.18 9.78 31.58
CA PRO A 94 -0.13 9.43 32.98
C PRO A 94 -1.55 9.81 33.39
N HIS A 95 -2.12 10.85 32.81
CA HIS A 95 -3.45 11.25 33.19
C HIS A 95 -4.50 10.93 32.14
N SER A 96 -4.14 10.07 31.20
CA SER A 96 -5.05 9.65 30.14
C SER A 96 -6.30 9.06 30.80
N ALA A 97 -7.45 9.26 30.17
CA ALA A 97 -8.70 8.74 30.75
C ALA A 97 -8.64 7.25 30.97
N LYS A 98 -8.99 6.84 32.19
CA LYS A 98 -8.98 5.42 32.55
C LYS A 98 -9.98 4.63 31.72
N SER A 99 -9.77 3.32 31.71
CA SER A 99 -10.62 2.39 30.98
C SER A 99 -11.83 2.04 31.81
N LYS A 100 -12.91 1.61 31.16
CA LYS A 100 -14.10 1.23 31.90
C LYS A 100 -13.97 -0.25 32.22
N PHE A 101 -12.73 -0.73 32.33
CA PHE A 101 -12.49 -2.14 32.61
C PHE A 101 -11.59 -2.41 33.82
N GLY A 102 -11.69 -1.54 34.82
CA GLY A 102 -10.91 -1.73 36.04
C GLY A 102 -9.43 -1.42 36.04
N TYR A 103 -9.02 -0.37 35.32
CA TYR A 103 -7.61 0.02 35.30
C TYR A 103 -7.50 1.32 34.54
N GLY A 104 -6.44 2.08 34.82
CA GLY A 104 -6.26 3.36 34.18
C GLY A 104 -4.87 3.64 33.69
N ALA A 105 -4.68 4.86 33.22
CA ALA A 105 -3.40 5.32 32.70
C ALA A 105 -2.20 4.80 33.50
N LYS A 106 -2.20 5.09 34.79
CA LYS A 106 -1.10 4.67 35.66
C LYS A 106 -0.87 3.16 35.62
N ASP A 107 -1.96 2.39 35.63
CA ASP A 107 -1.84 0.93 35.58
C ASP A 107 -1.22 0.51 34.25
N VAL A 108 -1.60 1.24 33.21
CA VAL A 108 -1.10 0.98 31.87
C VAL A 108 0.40 1.28 31.82
N ARG A 109 0.76 2.52 32.13
CA ARG A 109 2.16 2.95 32.10
C ARG A 109 3.03 2.02 32.90
N ASN A 110 2.39 1.35 33.86
CA ASN A 110 3.05 0.45 34.80
C ASN A 110 3.01 -1.03 34.43
N LEU A 111 2.67 -1.33 33.19
CA LEU A 111 2.60 -2.72 32.74
C LEU A 111 1.89 -3.63 33.74
N SER A 112 0.91 -3.08 34.47
CA SER A 112 0.17 -3.85 35.46
C SER A 112 -0.50 -5.05 34.79
N SER A 113 -0.48 -6.19 35.48
CA SER A 113 -1.07 -7.40 34.95
C SER A 113 -2.48 -7.22 34.39
N ARG A 114 -3.39 -6.69 35.19
CA ARG A 114 -4.74 -6.55 34.69
C ARG A 114 -4.82 -5.75 33.39
N ALA A 115 -4.25 -4.54 33.40
CA ALA A 115 -4.28 -3.68 32.21
C ALA A 115 -3.76 -4.42 31.00
N VAL A 116 -2.58 -5.00 31.16
CA VAL A 116 -1.96 -5.75 30.09
C VAL A 116 -2.84 -6.85 29.50
N ASN A 117 -3.48 -7.64 30.34
CA ASN A 117 -4.34 -8.73 29.84
C ASN A 117 -5.49 -8.22 28.98
N HIS A 118 -6.13 -7.13 29.43
CA HIS A 118 -7.24 -6.55 28.68
C HIS A 118 -6.71 -6.03 27.35
N ILE A 119 -5.54 -5.39 27.38
CA ILE A 119 -4.95 -4.89 26.14
C ILE A 119 -4.79 -6.08 25.18
N ARG A 120 -4.17 -7.14 25.68
CA ARG A 120 -3.96 -8.38 24.91
C ARG A 120 -5.27 -8.83 24.29
N SER A 121 -6.31 -8.88 25.10
CA SER A 121 -7.61 -9.33 24.61
C SER A 121 -8.23 -8.37 23.63
N VAL A 122 -8.05 -7.07 23.84
CA VAL A 122 -8.59 -6.06 22.93
C VAL A 122 -7.92 -6.22 21.57
N TRP A 123 -6.61 -6.49 21.61
CA TRP A 123 -5.83 -6.68 20.40
C TRP A 123 -6.30 -7.93 19.65
N GLU A 124 -6.52 -8.99 20.40
CA GLU A 124 -6.97 -10.24 19.81
C GLU A 124 -8.31 -10.04 19.14
N ASP A 125 -9.16 -9.21 19.75
CA ASP A 125 -10.48 -8.96 19.18
C ASP A 125 -10.36 -8.15 17.89
N LEU A 126 -9.34 -7.30 17.80
CA LEU A 126 -9.12 -6.51 16.61
C LEU A 126 -8.69 -7.42 15.47
N LEU A 127 -8.08 -8.55 15.82
CA LEU A 127 -7.60 -9.50 14.81
C LEU A 127 -8.66 -10.48 14.39
N GLU A 128 -9.64 -10.71 15.25
CA GLU A 128 -10.70 -11.68 14.97
C GLU A 128 -12.00 -11.10 14.46
N ASP A 129 -12.39 -9.95 15.02
CA ASP A 129 -13.61 -9.27 14.62
C ASP A 129 -13.20 -8.14 13.67
N THR A 130 -13.69 -8.19 12.43
CA THR A 130 -13.36 -7.17 11.44
C THR A 130 -14.52 -6.21 11.15
N GLU A 131 -15.61 -6.33 11.89
CA GLU A 131 -16.79 -5.52 11.61
C GLU A 131 -17.47 -4.75 12.73
N THR A 132 -17.72 -5.41 13.84
CA THR A 132 -18.44 -4.79 14.94
C THR A 132 -17.96 -3.40 15.34
N PRO A 133 -18.81 -2.39 15.16
CA PRO A 133 -18.46 -1.00 15.50
C PRO A 133 -17.89 -0.99 16.89
N ILE A 134 -16.97 -0.06 17.12
CA ILE A 134 -16.34 0.02 18.43
C ILE A 134 -16.87 1.22 19.19
N ASP A 135 -17.31 0.99 20.42
CA ASP A 135 -17.84 2.06 21.24
C ASP A 135 -16.88 3.21 21.44
N THR A 136 -17.44 4.41 21.56
CA THR A 136 -16.66 5.62 21.79
C THR A 136 -17.48 6.48 22.74
N THR A 137 -16.80 7.34 23.49
CA THR A 137 -17.46 8.23 24.43
C THR A 137 -17.40 9.59 23.77
N ILE A 138 -18.39 10.44 24.03
CA ILE A 138 -18.40 11.78 23.45
C ILE A 138 -18.50 12.77 24.60
N MET A 139 -17.58 13.74 24.61
CA MET A 139 -17.54 14.74 25.67
C MET A 139 -17.49 16.16 25.14
N ALA A 140 -17.94 17.09 25.97
CA ALA A 140 -17.91 18.51 25.63
C ALA A 140 -16.51 18.92 26.06
N LYS A 141 -15.77 19.50 25.14
CA LYS A 141 -14.41 19.93 25.41
C LYS A 141 -14.42 21.23 26.18
N SER A 142 -13.56 21.32 27.19
CA SER A 142 -13.46 22.51 28.04
C SER A 142 -12.25 23.36 27.65
N GLU A 143 -12.51 24.45 26.92
CA GLU A 143 -11.44 25.34 26.49
C GLU A 143 -11.76 26.79 26.86
N VAL A 144 -10.71 27.52 27.25
CA VAL A 144 -10.83 28.91 27.64
C VAL A 144 -10.67 29.90 26.47
N PHE A 145 -11.44 30.97 26.51
CA PHE A 145 -11.39 31.99 25.48
C PHE A 145 -11.78 33.33 26.10
N CYS A 146 -11.65 34.40 25.31
CA CYS A 146 -12.03 35.75 25.73
C CYS A 146 -13.32 36.08 24.97
N VAL A 147 -14.26 36.79 25.61
CA VAL A 147 -15.51 37.14 24.94
C VAL A 147 -15.24 37.92 23.67
N GLN A 148 -16.25 38.03 22.82
CA GLN A 148 -16.10 38.75 21.56
C GLN A 148 -17.09 39.89 21.42
N PRO A 149 -16.82 40.80 20.46
CA PRO A 149 -17.72 41.94 20.23
C PRO A 149 -19.00 41.46 19.50
N ARG A 154 -20.09 34.21 22.45
CA ARG A 154 -19.27 33.05 22.91
C ARG A 154 -19.25 31.90 21.93
N LYS A 155 -18.14 31.17 21.93
CA LYS A 155 -17.98 30.01 21.06
C LYS A 155 -18.54 28.81 21.81
N PRO A 156 -19.20 27.90 21.10
CA PRO A 156 -19.75 26.72 21.81
C PRO A 156 -18.63 25.69 21.94
N ALA A 157 -18.73 24.82 22.94
CA ALA A 157 -17.70 23.80 23.16
C ALA A 157 -17.50 22.90 21.94
N ARG A 158 -16.27 22.45 21.74
CA ARG A 158 -16.01 21.54 20.64
C ARG A 158 -16.32 20.14 21.20
N LEU A 159 -16.54 19.15 20.35
CA LEU A 159 -16.83 17.80 20.82
C LEU A 159 -15.67 16.85 20.59
N ILE A 160 -15.29 16.11 21.63
CA ILE A 160 -14.22 15.14 21.46
C ILE A 160 -14.84 13.75 21.53
N VAL A 161 -14.32 12.85 20.71
CA VAL A 161 -14.83 11.49 20.67
C VAL A 161 -13.63 10.55 20.78
N PHE A 162 -13.70 9.59 21.71
CA PHE A 162 -12.56 8.69 21.89
C PHE A 162 -12.94 7.32 22.41
N PRO A 163 -12.24 6.27 21.92
CA PRO A 163 -12.47 4.88 22.31
C PRO A 163 -11.86 4.64 23.67
N ASP A 164 -12.10 3.47 24.24
CA ASP A 164 -11.60 3.10 25.56
C ASP A 164 -10.07 3.01 25.60
N LEU A 165 -9.49 3.37 26.74
CA LEU A 165 -8.05 3.32 26.90
C LEU A 165 -7.44 2.05 26.31
N GLY A 166 -8.18 0.94 26.42
CA GLY A 166 -7.69 -0.32 25.90
C GLY A 166 -7.41 -0.24 24.41
N VAL A 167 -8.42 0.18 23.64
CA VAL A 167 -8.28 0.34 22.21
C VAL A 167 -7.14 1.32 21.90
N ARG A 168 -7.07 2.40 22.65
CA ARG A 168 -6.04 3.40 22.43
C ARG A 168 -4.63 2.81 22.47
N VAL A 169 -4.38 1.91 23.42
CA VAL A 169 -3.05 1.30 23.49
C VAL A 169 -2.82 0.43 22.25
N CYS A 170 -3.89 -0.20 21.75
CA CYS A 170 -3.77 -1.03 20.55
C CYS A 170 -3.54 -0.18 19.31
N GLU A 171 -4.12 1.02 19.30
CA GLU A 171 -3.93 1.90 18.16
C GLU A 171 -2.44 2.21 18.05
N LYS A 172 -1.82 2.55 19.17
CA LYS A 172 -0.40 2.88 19.17
C LYS A 172 0.45 1.72 18.65
N MET A 173 0.13 0.50 19.07
CA MET A 173 0.90 -0.67 18.64
C MET A 173 0.85 -0.86 17.12
N ALA A 174 -0.32 -0.67 16.55
CA ALA A 174 -0.51 -0.86 15.12
C ALA A 174 -0.27 0.38 14.26
N LEU A 175 -0.38 1.57 14.83
CA LEU A 175 -0.23 2.75 13.99
C LEU A 175 0.73 3.84 14.41
N TYR A 176 1.22 3.81 15.63
CA TYR A 176 2.14 4.85 16.06
C TYR A 176 3.26 5.08 15.04
N ASP A 177 3.93 4.02 14.62
CA ASP A 177 5.01 4.21 13.66
C ASP A 177 4.49 4.79 12.35
N VAL A 178 3.41 4.22 11.83
CA VAL A 178 2.82 4.70 10.59
C VAL A 178 2.54 6.20 10.63
N VAL A 179 1.79 6.65 11.64
CA VAL A 179 1.48 8.06 11.74
C VAL A 179 2.66 8.96 12.11
N SER A 180 3.77 8.37 12.57
CA SER A 180 4.93 9.17 12.94
C SER A 180 5.90 9.26 11.78
N THR A 181 5.75 8.37 10.80
CA THR A 181 6.67 8.31 9.68
C THR A 181 6.09 8.48 8.28
N LEU A 182 4.85 8.03 8.06
CA LEU A 182 4.25 8.11 6.73
C LEU A 182 3.93 9.51 6.20
N PRO A 183 3.35 10.38 7.04
CA PRO A 183 3.02 11.74 6.59
C PRO A 183 4.23 12.37 5.88
N GLN A 184 5.38 12.30 6.55
CA GLN A 184 6.63 12.84 6.07
C GLN A 184 7.06 12.25 4.72
N ALA A 185 7.07 10.93 4.63
CA ALA A 185 7.48 10.26 3.41
C ALA A 185 6.58 10.62 2.25
N VAL A 186 5.30 10.79 2.55
CA VAL A 186 4.35 11.10 1.50
C VAL A 186 4.34 12.56 1.05
N MET A 187 4.12 13.46 2.01
CA MET A 187 4.03 14.86 1.67
C MET A 187 5.32 15.65 1.56
N GLY A 188 6.43 15.03 1.93
CA GLY A 188 7.69 15.76 1.83
C GLY A 188 7.61 17.09 2.53
N SER A 189 8.39 18.07 2.07
CA SER A 189 8.42 19.37 2.72
C SER A 189 7.06 20.00 3.06
N SER A 190 5.99 19.55 2.41
CA SER A 190 4.68 20.12 2.70
C SER A 190 4.09 19.72 4.04
N TYR A 191 4.62 18.67 4.66
CA TYR A 191 4.13 18.24 5.96
C TYR A 191 4.64 19.25 6.99
N GLY A 192 3.72 19.98 7.63
CA GLY A 192 4.12 21.00 8.59
C GLY A 192 4.66 20.61 9.96
N PHE A 193 4.23 19.49 10.51
CA PHE A 193 4.67 19.06 11.83
C PHE A 193 6.15 18.68 11.97
N GLN A 194 6.89 18.69 10.88
CA GLN A 194 8.30 18.36 10.90
C GLN A 194 9.13 19.58 11.30
N TYR A 195 8.51 20.76 11.21
CA TYR A 195 9.17 22.02 11.52
C TYR A 195 8.94 22.58 12.90
N SER A 196 10.02 23.08 13.50
CA SER A 196 9.95 23.74 14.81
C SER A 196 9.56 25.15 14.38
N PRO A 197 9.05 25.98 15.29
CA PRO A 197 8.66 27.34 14.91
C PRO A 197 9.66 28.01 13.97
N LYS A 198 10.92 28.08 14.40
CA LYS A 198 11.97 28.70 13.57
C LYS A 198 11.97 28.11 12.16
N GLN A 199 11.99 26.80 12.09
CA GLN A 199 12.01 26.11 10.81
C GLN A 199 10.83 26.42 9.92
N ARG A 200 9.65 26.58 10.52
CA ARG A 200 8.45 26.88 9.76
C ARG A 200 8.59 28.28 9.18
N VAL A 201 9.05 29.21 10.01
CA VAL A 201 9.23 30.59 9.58
C VAL A 201 10.20 30.63 8.39
N GLU A 202 11.24 29.80 8.50
CA GLU A 202 12.25 29.69 7.47
C GLU A 202 11.61 29.24 6.17
N PHE A 203 10.84 28.15 6.26
CA PHE A 203 10.19 27.60 5.10
C PHE A 203 9.19 28.57 4.48
N LEU A 204 8.48 29.32 5.31
CA LEU A 204 7.50 30.26 4.78
C LEU A 204 8.18 31.41 4.03
N VAL A 205 9.19 31.99 4.66
CA VAL A 205 9.91 33.11 4.09
C VAL A 205 10.71 32.73 2.85
N ASN A 206 11.44 31.63 2.91
CA ASN A 206 12.20 31.22 1.74
C ASN A 206 11.24 30.99 0.58
N THR A 207 10.13 30.31 0.86
CA THR A 207 9.14 30.01 -0.16
C THR A 207 8.62 31.31 -0.77
N TRP A 208 8.22 32.23 0.11
CA TRP A 208 7.68 33.51 -0.32
C TRP A 208 8.68 34.27 -1.16
N LYS A 209 9.94 34.24 -0.73
CA LYS A 209 11.01 34.93 -1.44
C LYS A 209 11.39 34.26 -2.76
N SER A 210 10.98 33.02 -2.98
CA SER A 210 11.35 32.34 -4.20
C SER A 210 10.35 32.56 -5.33
N LYS A 211 9.22 33.18 -5.02
CA LYS A 211 8.23 33.44 -6.05
C LYS A 211 8.58 34.77 -6.72
N LYS A 212 8.43 34.84 -8.03
CA LYS A 212 8.74 36.08 -8.74
C LYS A 212 7.84 37.16 -8.17
N CYS A 213 6.58 36.81 -7.99
CA CYS A 213 5.60 37.71 -7.42
C CYS A 213 4.66 36.80 -6.61
N PRO A 214 4.97 36.60 -5.31
CA PRO A 214 4.18 35.75 -4.42
C PRO A 214 2.76 36.18 -4.10
N MET A 215 1.89 35.18 -4.03
CA MET A 215 0.50 35.35 -3.66
C MET A 215 0.31 34.18 -2.73
N GLY A 216 -0.32 34.42 -1.59
CA GLY A 216 -0.53 33.33 -0.67
C GLY A 216 -1.89 33.42 -0.04
N PHE A 217 -2.37 32.31 0.48
CA PHE A 217 -3.67 32.29 1.13
C PHE A 217 -3.80 31.13 2.10
N SER A 218 -4.56 31.35 3.16
CA SER A 218 -4.81 30.29 4.11
C SER A 218 -6.22 29.84 3.72
N TYR A 219 -6.56 28.58 3.99
CA TYR A 219 -7.89 28.10 3.65
C TYR A 219 -8.48 27.43 4.86
N ASP A 220 -9.60 27.96 5.33
CA ASP A 220 -10.27 27.44 6.51
C ASP A 220 -11.46 26.58 6.18
N THR A 221 -11.32 25.28 6.42
CA THR A 221 -12.39 24.32 6.16
C THR A 221 -13.43 24.41 7.28
N ARG A 222 -14.69 24.53 6.91
CA ARG A 222 -15.75 24.61 7.91
C ARG A 222 -15.89 23.27 8.63
N CYS A 223 -15.46 23.22 9.89
CA CYS A 223 -15.57 22.00 10.69
C CYS A 223 -15.03 20.77 9.98
N PHE A 224 -13.72 20.82 9.72
CA PHE A 224 -13.03 19.75 9.02
C PHE A 224 -13.39 18.31 9.39
N ASP A 225 -13.34 17.98 10.68
CA ASP A 225 -13.65 16.61 11.12
C ASP A 225 -14.97 16.04 10.59
N SER A 226 -16.04 16.81 10.70
CA SER A 226 -17.33 16.34 10.25
C SER A 226 -17.40 16.33 8.74
N THR A 227 -16.43 16.94 8.06
CA THR A 227 -16.47 16.92 6.60
C THR A 227 -15.79 15.69 6.03
N VAL A 228 -15.02 15.00 6.86
CA VAL A 228 -14.32 13.80 6.41
C VAL A 228 -15.33 12.66 6.22
N THR A 229 -15.39 12.12 5.02
CA THR A 229 -16.34 11.06 4.68
C THR A 229 -15.81 9.65 4.88
N GLU A 230 -16.71 8.67 4.78
CA GLU A 230 -16.31 7.28 4.94
C GLU A 230 -15.31 6.94 3.82
N SER A 231 -15.49 7.58 2.67
CA SER A 231 -14.59 7.36 1.54
C SER A 231 -13.20 7.93 1.84
N ASP A 232 -13.15 9.09 2.50
CA ASP A 232 -11.87 9.72 2.84
C ASP A 232 -11.08 8.83 3.78
N ILE A 233 -11.78 8.25 4.75
CA ILE A 233 -11.13 7.38 5.71
C ILE A 233 -10.66 6.09 5.05
N ARG A 234 -11.42 5.59 4.08
CA ARG A 234 -11.00 4.37 3.39
C ARG A 234 -9.81 4.68 2.50
N VAL A 235 -9.83 5.83 1.82
CA VAL A 235 -8.72 6.24 0.97
C VAL A 235 -7.47 6.47 1.83
N GLU A 236 -7.68 6.90 3.06
CA GLU A 236 -6.60 7.14 3.98
C GLU A 236 -5.99 5.79 4.35
N GLU A 237 -6.86 4.79 4.49
CA GLU A 237 -6.39 3.44 4.82
C GLU A 237 -5.58 2.90 3.65
N SER A 238 -6.12 3.07 2.44
CA SER A 238 -5.44 2.57 1.25
C SER A 238 -3.99 3.03 1.25
N ILE A 239 -3.75 4.21 1.79
CA ILE A 239 -2.39 4.74 1.86
C ILE A 239 -1.57 4.01 2.92
N TYR A 240 -2.13 3.82 4.11
CA TYR A 240 -1.40 3.09 5.16
C TYR A 240 -1.08 1.69 4.65
N GLN A 241 -2.00 1.15 3.86
CA GLN A 241 -1.86 -0.19 3.29
C GLN A 241 -0.69 -0.37 2.34
N CYS A 242 -0.13 0.73 1.86
CA CYS A 242 1.01 0.63 0.96
C CYS A 242 2.30 0.39 1.76
N CYS A 243 2.21 0.54 3.08
CA CYS A 243 3.37 0.31 3.94
C CYS A 243 3.69 -1.16 4.06
N ASP A 244 4.93 -1.48 4.46
CA ASP A 244 5.27 -2.87 4.69
C ASP A 244 4.81 -3.02 6.14
N LEU A 245 3.99 -4.03 6.43
CA LEU A 245 3.45 -4.20 7.77
C LEU A 245 3.39 -5.64 8.28
N ALA A 246 3.53 -5.82 9.58
CA ALA A 246 3.44 -7.16 10.17
C ALA A 246 1.98 -7.58 9.97
N PRO A 247 1.73 -8.88 9.68
CA PRO A 247 0.36 -9.37 9.47
C PRO A 247 -0.69 -8.82 10.43
N GLU A 248 -0.44 -8.97 11.73
CA GLU A 248 -1.38 -8.49 12.74
C GLU A 248 -1.61 -6.98 12.69
N ALA A 249 -0.59 -6.25 12.24
CA ALA A 249 -0.68 -4.80 12.11
C ALA A 249 -1.62 -4.47 10.97
N ARG A 250 -1.43 -5.15 9.86
CA ARG A 250 -2.24 -4.95 8.69
C ARG A 250 -3.71 -5.26 9.02
N GLN A 251 -3.92 -6.27 9.87
CA GLN A 251 -5.27 -6.63 10.25
C GLN A 251 -5.78 -5.59 11.22
N ALA A 252 -4.94 -5.21 12.18
CA ALA A 252 -5.32 -4.21 13.18
C ALA A 252 -5.74 -2.91 12.50
N ILE A 253 -5.01 -2.52 11.45
CA ILE A 253 -5.33 -1.30 10.73
C ILE A 253 -6.66 -1.47 9.99
N ARG A 254 -6.85 -2.63 9.38
CA ARG A 254 -8.09 -2.91 8.64
C ARG A 254 -9.29 -2.86 9.60
N SER A 255 -9.22 -3.61 10.70
CA SER A 255 -10.28 -3.66 11.68
C SER A 255 -10.57 -2.29 12.28
N LEU A 256 -9.51 -1.56 12.62
CA LEU A 256 -9.65 -0.24 13.20
C LEU A 256 -10.36 0.73 12.26
N THR A 257 -10.07 0.62 10.96
CA THR A 257 -10.72 1.47 9.97
C THR A 257 -12.22 1.21 9.95
N GLU A 258 -12.61 -0.04 9.76
CA GLU A 258 -14.04 -0.43 9.71
C GLU A 258 -14.82 -0.28 11.01
N ARG A 259 -14.17 -0.53 12.13
CA ARG A 259 -14.87 -0.49 13.41
C ARG A 259 -14.75 0.79 14.21
N LEU A 260 -13.77 1.63 13.89
CA LEU A 260 -13.58 2.86 14.66
C LEU A 260 -13.46 4.14 13.85
N TYR A 261 -12.50 4.16 12.94
CA TYR A 261 -12.27 5.36 12.15
C TYR A 261 -13.40 5.86 11.24
N ILE A 262 -14.01 4.98 10.45
CA ILE A 262 -15.10 5.41 9.57
C ILE A 262 -16.33 5.91 10.33
N GLY A 263 -16.47 5.49 11.58
CA GLY A 263 -17.61 5.91 12.39
C GLY A 263 -17.99 4.91 13.46
N GLY A 264 -19.12 5.15 14.12
CA GLY A 264 -19.57 4.24 15.16
C GLY A 264 -20.51 4.88 16.18
N PRO A 265 -21.00 4.07 17.14
CA PRO A 265 -21.91 4.58 18.17
C PRO A 265 -21.25 5.62 19.07
N LEU A 266 -22.05 6.54 19.59
CA LEU A 266 -21.57 7.59 20.49
C LEU A 266 -22.27 7.41 21.83
N THR A 267 -21.48 7.44 22.91
CA THR A 267 -22.04 7.25 24.25
C THR A 267 -21.61 8.39 25.19
N ASN A 268 -22.56 8.97 25.92
CA ASN A 268 -22.21 10.05 26.83
C ASN A 268 -21.61 9.50 28.11
N SER A 269 -21.21 10.40 29.01
CA SER A 269 -20.58 10.00 30.27
C SER A 269 -21.52 9.21 31.19
N LYS A 270 -22.80 9.22 30.87
CA LYS A 270 -23.79 8.52 31.67
C LYS A 270 -24.01 7.12 31.12
N GLY A 271 -23.30 6.78 30.04
CA GLY A 271 -23.46 5.47 29.45
C GLY A 271 -24.69 5.34 28.59
N GLN A 272 -25.27 6.47 28.22
CA GLN A 272 -26.47 6.49 27.39
C GLN A 272 -26.02 6.59 25.93
N ASN A 273 -26.92 6.24 25.02
CA ASN A 273 -26.62 6.27 23.58
C ASN A 273 -26.96 7.63 22.99
N CYS A 274 -25.94 8.41 22.60
CA CYS A 274 -26.16 9.75 22.03
C CYS A 274 -26.47 9.79 20.54
N GLY A 275 -25.92 8.85 19.80
CA GLY A 275 -26.14 8.81 18.37
C GLY A 275 -25.11 8.01 17.60
N TYR A 276 -24.75 8.48 16.42
CA TYR A 276 -23.79 7.77 15.58
C TYR A 276 -22.91 8.70 14.77
N ARG A 277 -21.61 8.40 14.76
CA ARG A 277 -20.60 9.18 14.04
C ARG A 277 -20.25 8.51 12.71
N ARG A 278 -20.26 9.28 11.63
CA ARG A 278 -19.91 8.74 10.30
C ARG A 278 -18.89 9.67 9.66
N CYS A 279 -18.09 10.30 10.52
CA CYS A 279 -17.05 11.23 10.09
C CYS A 279 -15.88 11.04 11.04
N ARG A 280 -14.88 11.91 10.92
CA ARG A 280 -13.68 11.81 11.73
C ARG A 280 -13.92 11.95 13.21
N ALA A 281 -13.29 11.04 13.96
CA ALA A 281 -13.36 11.05 15.42
C ALA A 281 -12.18 11.98 15.77
N SER A 282 -12.40 12.93 16.67
CA SER A 282 -11.33 13.85 17.00
C SER A 282 -10.31 13.25 17.95
N GLY A 283 -10.71 12.23 18.70
CA GLY A 283 -9.79 11.64 19.66
C GLY A 283 -9.21 10.27 19.38
N VAL A 284 -8.71 10.04 18.17
CA VAL A 284 -8.08 8.77 17.85
C VAL A 284 -6.65 9.07 17.41
N LEU A 285 -5.83 8.03 17.31
CA LEU A 285 -4.44 8.21 16.94
C LEU A 285 -4.23 8.72 15.52
N THR A 286 -5.06 8.25 14.59
CA THR A 286 -4.92 8.63 13.19
C THR A 286 -5.57 9.95 12.80
N THR A 287 -6.07 10.70 13.78
CA THR A 287 -6.74 11.96 13.49
C THR A 287 -5.87 13.04 12.85
N SER A 288 -4.68 13.27 13.40
CA SER A 288 -3.79 14.27 12.85
C SER A 288 -3.28 13.82 11.49
N CYS A 289 -2.79 12.58 11.43
CA CYS A 289 -2.24 12.02 10.22
C CYS A 289 -3.28 11.92 9.12
N GLY A 290 -4.49 11.50 9.48
CA GLY A 290 -5.55 11.36 8.50
C GLY A 290 -5.94 12.71 7.94
N ASN A 291 -6.15 13.67 8.82
CA ASN A 291 -6.55 15.00 8.38
C ASN A 291 -5.47 15.68 7.54
N THR A 292 -4.20 15.51 7.91
CA THR A 292 -3.13 16.13 7.13
C THR A 292 -3.11 15.50 5.75
N LEU A 293 -3.28 14.18 5.70
CA LEU A 293 -3.27 13.47 4.42
C LEU A 293 -4.46 13.85 3.58
N THR A 294 -5.65 13.81 4.17
CA THR A 294 -6.87 14.13 3.45
C THR A 294 -6.85 15.55 2.94
N CYS A 295 -6.50 16.49 3.81
CA CYS A 295 -6.46 17.90 3.46
C CYS A 295 -5.41 18.17 2.40
N TYR A 296 -4.30 17.45 2.46
CA TYR A 296 -3.23 17.61 1.48
C TYR A 296 -3.68 17.09 0.12
N LEU A 297 -4.35 15.94 0.11
CA LEU A 297 -4.81 15.34 -1.14
C LEU A 297 -5.80 16.25 -1.83
N LYS A 298 -6.80 16.69 -1.09
CA LYS A 298 -7.82 17.55 -1.65
C LYS A 298 -7.27 18.89 -2.13
N ALA A 299 -6.43 19.52 -1.32
CA ALA A 299 -5.85 20.82 -1.67
C ALA A 299 -4.96 20.75 -2.91
N THR A 300 -4.16 19.70 -3.01
CA THR A 300 -3.26 19.55 -4.15
C THR A 300 -4.05 19.47 -5.45
N ALA A 301 -5.07 18.62 -5.47
CA ALA A 301 -5.90 18.42 -6.65
C ALA A 301 -6.67 19.71 -6.91
N ALA A 302 -7.21 20.31 -5.85
CA ALA A 302 -7.95 21.55 -6.02
C ALA A 302 -7.03 22.61 -6.65
N CYS A 303 -5.76 22.65 -6.25
CA CYS A 303 -4.86 23.63 -6.84
C CYS A 303 -4.78 23.42 -8.34
N ARG A 304 -4.74 22.15 -8.74
CA ARG A 304 -4.66 21.83 -10.14
C ARG A 304 -5.95 22.26 -10.82
N ALA A 305 -7.08 21.85 -10.26
CA ALA A 305 -8.35 22.23 -10.85
C ALA A 305 -8.39 23.73 -11.08
N ALA A 306 -7.92 24.50 -10.10
CA ALA A 306 -7.92 25.95 -10.17
C ALA A 306 -6.78 26.56 -10.99
N LYS A 307 -5.80 25.75 -11.34
CA LYS A 307 -4.69 26.25 -12.15
C LYS A 307 -3.76 27.23 -11.46
N LEU A 308 -3.70 27.18 -10.14
CA LEU A 308 -2.81 28.05 -9.41
C LEU A 308 -1.41 27.70 -9.90
N GLN A 309 -0.60 28.71 -10.14
CA GLN A 309 0.74 28.50 -10.67
C GLN A 309 1.85 28.29 -9.64
N ASP A 310 2.66 27.27 -9.89
CA ASP A 310 3.82 26.95 -9.04
C ASP A 310 3.52 27.02 -7.54
N CYS A 311 2.53 26.24 -7.10
CA CYS A 311 2.11 26.19 -5.70
C CYS A 311 3.05 25.53 -4.71
N THR A 312 3.07 26.07 -3.49
CA THR A 312 3.86 25.50 -2.42
C THR A 312 2.95 25.48 -1.20
N MET A 313 2.64 24.29 -0.70
CA MET A 313 1.73 24.11 0.43
C MET A 313 2.39 23.66 1.71
N LEU A 314 1.72 23.97 2.81
CA LEU A 314 2.16 23.58 4.13
C LEU A 314 0.88 23.08 4.79
N VAL A 315 0.90 21.85 5.28
CA VAL A 315 -0.29 21.28 5.90
C VAL A 315 -0.02 20.79 7.32
N ASN A 316 -0.94 21.13 8.23
CA ASN A 316 -0.88 20.73 9.63
C ASN A 316 -2.26 20.23 10.00
N GLY A 317 -2.60 19.02 9.58
CA GLY A 317 -3.92 18.52 9.88
C GLY A 317 -4.91 19.28 9.03
N ASP A 318 -5.90 19.90 9.64
CA ASP A 318 -6.90 20.64 8.88
C ASP A 318 -6.41 22.03 8.46
N ASP A 319 -5.31 22.49 9.04
CA ASP A 319 -4.80 23.82 8.70
C ASP A 319 -4.05 23.75 7.39
N LEU A 320 -4.34 24.71 6.51
CA LEU A 320 -3.74 24.78 5.18
C LEU A 320 -3.36 26.19 4.76
N VAL A 321 -2.17 26.32 4.18
CA VAL A 321 -1.71 27.61 3.68
C VAL A 321 -1.00 27.35 2.36
N VAL A 322 -1.27 28.20 1.37
CA VAL A 322 -0.68 28.05 0.05
C VAL A 322 -0.03 29.34 -0.44
N ILE A 323 1.13 29.20 -1.07
CA ILE A 323 1.88 30.32 -1.64
C ILE A 323 2.15 29.93 -3.09
N CYS A 324 1.85 30.82 -4.02
CA CYS A 324 2.05 30.49 -5.43
C CYS A 324 2.44 31.71 -6.26
N GLU A 325 2.69 31.52 -7.56
CA GLU A 325 3.03 32.63 -8.43
C GLU A 325 1.76 33.39 -8.80
N SER A 326 1.76 34.68 -8.52
CA SER A 326 0.60 35.51 -8.82
C SER A 326 0.39 35.65 -10.32
N ALA A 327 -0.87 35.61 -10.76
CA ALA A 327 -1.21 35.75 -12.17
C ALA A 327 -1.86 37.13 -12.38
N GLY A 328 -2.00 37.86 -11.28
CA GLY A 328 -2.61 39.17 -11.35
C GLY A 328 -3.77 39.21 -10.38
N THR A 329 -4.03 40.39 -9.83
CA THR A 329 -5.10 40.60 -8.88
C THR A 329 -6.40 39.89 -9.24
N GLN A 330 -6.94 40.21 -10.41
CA GLN A 330 -8.20 39.63 -10.87
C GLN A 330 -8.10 38.13 -11.07
N GLU A 331 -7.03 37.70 -11.72
CA GLU A 331 -6.81 36.28 -11.99
C GLU A 331 -6.74 35.50 -10.69
N ASP A 332 -5.89 35.96 -9.77
CA ASP A 332 -5.71 35.29 -8.47
C ASP A 332 -7.06 35.13 -7.76
N ALA A 333 -7.87 36.18 -7.77
CA ALA A 333 -9.16 36.13 -7.12
C ALA A 333 -10.03 35.03 -7.71
N ALA A 334 -10.08 34.96 -9.03
CA ALA A 334 -10.88 33.96 -9.71
C ALA A 334 -10.32 32.57 -9.45
N ALA A 335 -9.00 32.46 -9.47
CA ALA A 335 -8.31 31.21 -9.22
C ALA A 335 -8.61 30.69 -7.81
N LEU A 336 -8.67 31.59 -6.84
CA LEU A 336 -8.95 31.17 -5.47
C LEU A 336 -10.38 30.66 -5.38
N ARG A 337 -11.27 31.30 -6.11
CA ARG A 337 -12.69 30.93 -6.15
C ARG A 337 -12.80 29.52 -6.78
N ALA A 338 -11.99 29.28 -7.80
CA ALA A 338 -12.00 27.99 -8.45
C ALA A 338 -11.53 26.95 -7.42
N PHE A 339 -10.38 27.22 -6.81
CA PHE A 339 -9.83 26.35 -5.80
C PHE A 339 -10.89 26.00 -4.76
N THR A 340 -11.67 26.98 -4.37
CA THR A 340 -12.70 26.76 -3.36
C THR A 340 -13.83 25.88 -3.85
N GLU A 341 -14.20 25.99 -5.12
CA GLU A 341 -15.28 25.17 -5.64
C GLU A 341 -14.77 23.73 -5.73
N ALA A 342 -13.49 23.59 -6.03
CA ALA A 342 -12.89 22.27 -6.13
C ALA A 342 -12.99 21.60 -4.75
N MET A 343 -12.52 22.30 -3.72
CA MET A 343 -12.54 21.79 -2.36
C MET A 343 -13.96 21.45 -1.90
N THR A 344 -14.91 22.31 -2.28
CA THR A 344 -16.30 22.10 -1.88
C THR A 344 -16.82 20.80 -2.47
N ARG A 345 -16.38 20.50 -3.70
CA ARG A 345 -16.76 19.28 -4.36
C ARG A 345 -16.11 18.09 -3.69
N TYR A 346 -14.87 18.28 -3.23
CA TYR A 346 -14.17 17.19 -2.56
C TYR A 346 -14.69 17.02 -1.14
N SER A 347 -15.63 17.88 -0.74
CA SER A 347 -16.22 17.82 0.58
C SER A 347 -15.34 18.50 1.61
N ALA A 348 -14.94 19.72 1.29
CA ALA A 348 -14.12 20.51 2.19
C ALA A 348 -14.53 21.98 1.98
N PRO A 349 -15.82 22.26 2.20
CA PRO A 349 -16.37 23.62 2.04
C PRO A 349 -15.66 24.63 2.95
N PRO A 350 -15.57 25.88 2.51
CA PRO A 350 -14.89 26.89 3.32
C PRO A 350 -15.71 27.39 4.50
N GLY A 351 -15.00 27.88 5.51
CA GLY A 351 -15.66 28.46 6.67
C GLY A 351 -15.60 29.91 6.27
N ASP A 352 -14.61 30.63 6.76
CA ASP A 352 -14.44 32.03 6.37
C ASP A 352 -14.10 31.87 4.89
N PRO A 353 -14.29 32.92 4.08
CA PRO A 353 -13.96 32.75 2.66
C PRO A 353 -12.49 33.05 2.42
N PRO A 354 -11.79 32.20 1.65
CA PRO A 354 -10.36 32.43 1.39
C PRO A 354 -10.08 33.73 0.63
N GLN A 355 -9.15 34.53 1.16
CA GLN A 355 -8.78 35.80 0.55
C GLN A 355 -7.32 35.79 0.12
N PRO A 356 -7.03 36.22 -1.12
CA PRO A 356 -5.63 36.22 -1.53
C PRO A 356 -4.87 37.35 -0.84
N GLU A 357 -3.65 37.05 -0.37
CA GLU A 357 -2.81 38.04 0.30
C GLU A 357 -1.54 38.20 -0.52
N TYR A 358 -0.97 39.40 -0.48
CA TYR A 358 0.25 39.67 -1.23
C TYR A 358 1.33 40.20 -0.29
N ASP A 359 1.14 39.95 1.00
CA ASP A 359 2.07 40.34 2.06
C ASP A 359 2.09 39.21 3.08
N LEU A 360 3.15 38.42 3.07
CA LEU A 360 3.29 37.29 3.97
C LEU A 360 2.79 37.51 5.39
N GLU A 361 3.11 38.67 5.95
CA GLU A 361 2.71 38.93 7.32
C GLU A 361 1.21 38.93 7.55
N LEU A 362 0.43 39.12 6.50
CA LEU A 362 -1.01 39.15 6.63
C LEU A 362 -1.65 37.77 6.68
N ILE A 363 -1.01 36.80 6.04
CA ILE A 363 -1.51 35.43 6.05
C ILE A 363 -1.40 34.86 7.46
N THR A 364 -2.44 34.14 7.89
CA THR A 364 -2.45 33.52 9.20
C THR A 364 -2.65 32.02 9.05
N SER A 365 -1.65 31.24 9.45
CA SER A 365 -1.71 29.79 9.35
C SER A 365 -1.32 29.20 10.70
N CYS A 366 -2.13 28.25 11.16
CA CYS A 366 -1.91 27.62 12.46
C CYS A 366 -2.00 28.68 13.53
N SER A 367 -2.88 29.65 13.32
CA SER A 367 -3.11 30.73 14.26
C SER A 367 -1.90 31.67 14.45
N SER A 368 -0.92 31.57 13.56
CA SER A 368 0.27 32.40 13.66
C SER A 368 0.56 33.13 12.36
N ASN A 369 1.44 34.12 12.45
CA ASN A 369 1.85 34.89 11.28
C ASN A 369 3.30 35.26 11.46
N VAL A 370 3.92 35.68 10.36
CA VAL A 370 5.30 36.11 10.39
C VAL A 370 5.38 37.59 10.77
N SER A 371 6.44 37.96 11.48
CA SER A 371 6.67 39.34 11.87
C SER A 371 8.18 39.51 11.89
N VAL A 372 8.65 40.75 11.90
CA VAL A 372 10.09 40.99 11.88
C VAL A 372 10.57 41.69 13.12
N ALA A 373 11.83 41.44 13.47
CA ALA A 373 12.47 42.05 14.62
C ALA A 373 13.96 42.07 14.32
N HIS A 374 14.76 42.69 15.19
CA HIS A 374 16.19 42.74 14.95
C HIS A 374 16.92 42.15 16.12
N ASP A 375 18.09 41.56 15.87
CA ASP A 375 18.87 40.98 16.96
C ASP A 375 19.85 42.01 17.47
N ALA A 376 20.77 41.57 18.32
CA ALA A 376 21.77 42.46 18.88
C ALA A 376 22.40 43.34 17.79
N SER A 377 22.90 42.70 16.73
CA SER A 377 23.56 43.39 15.63
C SER A 377 22.66 44.25 14.75
N GLY A 378 21.35 44.06 14.85
CA GLY A 378 20.44 44.83 14.03
C GLY A 378 20.01 44.05 12.80
N LYS A 379 20.43 42.79 12.74
CA LYS A 379 20.07 41.94 11.61
C LYS A 379 18.58 41.66 11.74
N ARG A 380 17.88 41.56 10.60
CA ARG A 380 16.45 41.27 10.63
C ARG A 380 16.19 39.81 10.93
N VAL A 381 15.21 39.56 11.77
CA VAL A 381 14.86 38.20 12.13
C VAL A 381 13.38 37.92 12.09
N TYR A 382 13.00 37.07 11.14
CA TYR A 382 11.63 36.66 10.95
C TYR A 382 11.34 35.70 12.09
N TYR A 383 10.17 35.84 12.70
CA TYR A 383 9.78 34.95 13.79
C TYR A 383 8.27 34.82 13.74
N LEU A 384 7.75 33.79 14.41
CA LEU A 384 6.32 33.54 14.41
C LEU A 384 5.62 34.09 15.63
N THR A 385 4.55 34.84 15.40
CA THR A 385 3.80 35.44 16.50
C THR A 385 2.28 35.28 16.26
N ARG A 386 1.47 35.95 17.07
CA ARG A 386 0.02 35.86 16.93
C ARG A 386 -0.69 36.77 17.93
N ASP A 387 -1.96 37.07 17.66
CA ASP A 387 -2.74 37.87 18.58
C ASP A 387 -2.65 37.03 19.85
N PRO A 388 -2.14 37.64 20.96
CA PRO A 388 -1.97 37.00 22.26
C PRO A 388 -3.18 36.86 23.18
N THR A 389 -4.38 37.19 22.68
CA THR A 389 -5.57 37.10 23.51
C THR A 389 -5.84 35.74 24.12
N THR A 390 -6.00 34.72 23.29
CA THR A 390 -6.28 33.41 23.83
C THR A 390 -5.14 32.98 24.75
N PRO A 391 -3.88 33.07 24.29
CA PRO A 391 -2.78 32.68 25.17
C PRO A 391 -2.84 33.34 26.55
N LEU A 392 -3.11 34.64 26.57
CA LEU A 392 -3.20 35.38 27.81
C LEU A 392 -4.37 34.92 28.67
N ALA A 393 -5.53 34.79 28.04
CA ALA A 393 -6.73 34.37 28.77
C ALA A 393 -6.46 33.05 29.51
N ARG A 394 -5.86 32.10 28.80
CA ARG A 394 -5.55 30.81 29.39
C ARG A 394 -4.46 30.93 30.44
N ALA A 395 -3.55 31.88 30.26
CA ALA A 395 -2.49 32.07 31.23
C ALA A 395 -3.16 32.43 32.56
N ALA A 396 -4.14 33.33 32.50
CA ALA A 396 -4.84 33.75 33.71
C ALA A 396 -5.62 32.59 34.31
N TRP A 397 -6.43 31.94 33.50
CA TRP A 397 -7.20 30.81 33.99
C TRP A 397 -6.27 29.77 34.63
N GLU A 398 -5.19 29.42 33.93
CA GLU A 398 -4.23 28.44 34.43
C GLU A 398 -3.50 28.89 35.69
N THR A 399 -3.61 30.18 36.00
CA THR A 399 -2.99 30.74 37.16
C THR A 399 -3.92 30.64 38.37
N ALA A 400 -5.21 30.81 38.10
CA ALA A 400 -6.24 30.76 39.14
C ALA A 400 -6.64 29.35 39.55
N ARG A 401 -6.56 28.40 38.62
CA ARG A 401 -6.93 27.01 38.86
C ARG A 401 -5.83 26.06 38.39
N HIS A 402 -5.62 24.98 39.13
CA HIS A 402 -4.62 24.01 38.71
C HIS A 402 -5.26 23.19 37.59
N THR A 403 -4.58 23.16 36.46
CA THR A 403 -5.05 22.46 35.28
C THR A 403 -4.09 21.36 34.82
N PRO A 404 -4.65 20.31 34.17
CA PRO A 404 -3.87 19.17 33.68
C PRO A 404 -2.75 19.57 32.72
N ILE A 405 -3.05 20.54 31.87
CA ILE A 405 -2.08 21.02 30.89
C ILE A 405 -1.80 22.50 31.10
N ASN A 406 -0.54 22.89 30.92
CA ASN A 406 -0.13 24.29 31.07
C ASN A 406 0.17 24.91 29.72
N SER A 407 -0.86 25.46 29.09
CA SER A 407 -0.69 26.10 27.80
C SER A 407 0.36 27.20 27.85
N TRP A 408 0.45 27.90 28.97
CA TRP A 408 1.42 28.99 29.04
C TRP A 408 2.84 28.53 28.77
N LEU A 409 3.21 27.41 29.37
CA LEU A 409 4.53 26.82 29.21
C LEU A 409 4.70 26.40 27.77
N GLY A 410 3.62 25.88 27.18
CA GLY A 410 3.65 25.47 25.80
C GLY A 410 3.81 26.69 24.91
N ASN A 411 3.14 27.79 25.28
CA ASN A 411 3.22 29.03 24.52
C ASN A 411 4.57 29.72 24.66
N ILE A 412 5.18 29.62 25.83
CA ILE A 412 6.50 30.23 26.00
C ILE A 412 7.43 29.56 24.98
N ILE A 413 7.43 28.24 25.00
CA ILE A 413 8.28 27.48 24.10
C ILE A 413 8.04 27.76 22.61
N MET A 414 6.77 27.88 22.20
CA MET A 414 6.49 28.12 20.79
C MET A 414 6.59 29.59 20.38
N TYR A 415 6.49 30.48 21.35
CA TYR A 415 6.56 31.89 21.05
C TYR A 415 7.67 32.63 21.78
N ALA A 416 8.62 31.87 22.29
CA ALA A 416 9.75 32.46 23.02
C ALA A 416 10.25 33.77 22.41
N PRO A 417 10.19 33.92 21.08
CA PRO A 417 10.66 35.16 20.46
C PRO A 417 9.69 36.34 20.53
N THR A 418 8.42 36.07 20.76
CA THR A 418 7.46 37.17 20.77
C THR A 418 7.64 38.15 21.88
N LEU A 419 7.07 39.33 21.66
CA LEU A 419 7.08 40.43 22.59
C LEU A 419 6.33 40.08 23.86
N TRP A 420 5.10 39.58 23.69
CA TRP A 420 4.27 39.23 24.82
C TRP A 420 4.75 38.01 25.63
N ALA A 421 5.29 37.01 24.94
CA ALA A 421 5.75 35.82 25.64
C ALA A 421 6.95 36.12 26.54
N ARG A 422 7.83 36.99 26.08
CA ARG A 422 9.00 37.32 26.89
C ARG A 422 8.60 38.27 28.01
N MET A 423 8.00 39.39 27.63
CA MET A 423 7.62 40.40 28.62
C MET A 423 6.51 40.02 29.57
N ILE A 424 5.55 39.22 29.11
CA ILE A 424 4.44 38.86 29.99
C ILE A 424 4.49 37.44 30.54
N LEU A 425 4.33 36.44 29.66
CA LEU A 425 4.33 35.04 30.08
C LEU A 425 5.54 34.66 30.93
N MET A 426 6.73 35.08 30.50
CA MET A 426 7.92 34.76 31.27
C MET A 426 7.92 35.45 32.65
N THR A 427 7.90 36.79 32.66
CA THR A 427 7.90 37.52 33.92
C THR A 427 6.92 36.93 34.93
N HIS A 428 5.64 37.04 34.62
CA HIS A 428 4.56 36.57 35.44
C HIS A 428 4.77 35.20 36.10
N PHE A 429 4.92 34.19 35.26
CA PHE A 429 5.09 32.83 35.75
C PHE A 429 6.37 32.58 36.52
N PHE A 430 7.49 33.14 36.07
CA PHE A 430 8.70 32.93 36.85
C PHE A 430 8.53 33.63 38.18
N SER A 431 7.84 34.77 38.16
CA SER A 431 7.57 35.51 39.38
C SER A 431 6.84 34.60 40.36
N ILE A 432 5.81 33.91 39.87
CA ILE A 432 5.03 33.02 40.72
C ILE A 432 5.78 31.72 41.10
N LEU A 433 6.60 31.20 40.20
CA LEU A 433 7.32 29.97 40.52
C LEU A 433 8.36 30.22 41.61
N LEU A 434 8.82 31.46 41.72
CA LEU A 434 9.80 31.80 42.75
C LEU A 434 9.08 31.83 44.09
N ALA A 435 8.02 32.64 44.15
CA ALA A 435 7.24 32.80 45.36
C ALA A 435 6.75 31.47 45.93
N GLN A 436 6.64 30.45 45.09
CA GLN A 436 6.16 29.16 45.54
C GLN A 436 7.26 28.12 45.41
N GLU A 437 8.47 28.60 45.15
CA GLU A 437 9.64 27.74 44.98
C GLU A 437 9.33 26.45 44.25
N GLN A 438 8.87 26.59 43.01
CA GLN A 438 8.55 25.42 42.21
C GLN A 438 9.27 25.49 40.86
N LEU A 439 10.32 26.29 40.81
CA LEU A 439 11.12 26.43 39.59
C LEU A 439 11.65 25.08 39.12
N GLU A 440 11.59 24.08 40.00
CA GLU A 440 12.10 22.76 39.67
C GLU A 440 11.00 21.75 39.50
N LYS A 441 9.78 22.15 39.81
CA LYS A 441 8.65 21.25 39.65
C LYS A 441 8.32 21.16 38.17
N ALA A 442 8.41 19.96 37.62
CA ALA A 442 8.11 19.75 36.21
C ALA A 442 6.61 19.91 35.98
N LEU A 443 6.26 20.52 34.86
CA LEU A 443 4.85 20.74 34.51
C LEU A 443 4.56 20.13 33.13
N ASP A 444 3.32 19.71 32.92
CA ASP A 444 2.96 19.12 31.62
C ASP A 444 2.45 20.20 30.67
N CYS A 445 3.04 20.30 29.49
CA CYS A 445 2.56 21.25 28.51
C CYS A 445 2.33 20.43 27.24
N GLN A 446 1.79 21.06 26.20
CA GLN A 446 1.54 20.32 24.99
C GLN A 446 2.14 20.93 23.73
N ILE A 447 2.74 20.09 22.90
CA ILE A 447 3.34 20.51 21.65
C ILE A 447 2.81 19.63 20.52
N TYR A 448 2.08 20.26 19.60
CA TYR A 448 1.48 19.55 18.47
C TYR A 448 0.74 18.31 18.92
N GLY A 449 -0.16 18.52 19.88
CA GLY A 449 -0.95 17.42 20.39
C GLY A 449 -0.29 16.52 21.40
N ALA A 450 1.04 16.39 21.33
CA ALA A 450 1.75 15.53 22.26
C ALA A 450 1.98 16.18 23.63
N CYS A 451 1.86 15.38 24.69
CA CYS A 451 2.05 15.87 26.04
C CYS A 451 3.49 15.68 26.50
N TYR A 452 4.13 16.79 26.91
CA TYR A 452 5.51 16.80 27.39
C TYR A 452 5.63 17.30 28.84
N SER A 453 6.49 16.64 29.61
CA SER A 453 6.73 17.02 31.00
C SER A 453 8.02 17.83 31.00
N ILE A 454 7.94 19.09 31.44
CA ILE A 454 9.10 19.96 31.42
C ILE A 454 9.37 20.79 32.68
N GLU A 455 10.64 20.93 33.01
CA GLU A 455 11.02 21.73 34.15
C GLU A 455 11.28 23.14 33.62
N PRO A 456 10.64 24.15 34.23
CA PRO A 456 10.79 25.54 33.84
C PRO A 456 12.24 25.97 33.75
N LEU A 457 13.07 25.42 34.63
CA LEU A 457 14.47 25.77 34.63
C LEU A 457 15.20 25.37 33.34
N ASP A 458 14.61 24.46 32.57
CA ASP A 458 15.24 24.03 31.32
C ASP A 458 14.93 24.97 30.16
N LEU A 459 13.92 25.81 30.34
CA LEU A 459 13.48 26.71 29.29
C LEU A 459 14.57 27.37 28.48
N PRO A 460 15.64 27.85 29.11
CA PRO A 460 16.73 28.51 28.38
C PRO A 460 17.39 27.63 27.32
N GLN A 461 17.69 26.38 27.68
CA GLN A 461 18.31 25.45 26.76
C GLN A 461 17.31 25.17 25.64
N ILE A 462 16.11 24.78 26.05
CA ILE A 462 15.05 24.48 25.11
C ILE A 462 14.93 25.60 24.09
N ILE A 463 14.66 26.81 24.58
CA ILE A 463 14.50 27.96 23.70
C ILE A 463 15.68 28.17 22.77
N GLU A 464 16.91 28.08 23.28
CA GLU A 464 18.06 28.28 22.41
C GLU A 464 18.10 27.26 21.26
N ARG A 465 17.91 26.00 21.62
CA ARG A 465 17.93 24.92 20.64
C ARG A 465 16.82 25.06 19.59
N LEU A 466 15.62 25.45 19.99
CA LEU A 466 14.52 25.58 19.06
C LEU A 466 14.44 26.89 18.28
N HIS A 467 15.02 27.96 18.81
CA HIS A 467 14.93 29.27 18.16
C HIS A 467 16.28 29.93 17.86
N GLY A 468 17.27 29.65 18.69
CA GLY A 468 18.58 30.27 18.51
C GLY A 468 18.75 31.31 19.59
N LEU A 469 19.95 31.89 19.71
CA LEU A 469 20.18 32.90 20.74
C LEU A 469 19.44 34.20 20.52
N SER A 470 19.04 34.47 19.28
CA SER A 470 18.33 35.71 18.97
C SER A 470 17.02 35.79 19.74
N ALA A 471 16.55 34.65 20.21
CA ALA A 471 15.31 34.60 20.97
C ALA A 471 15.44 35.34 22.29
N PHE A 472 16.67 35.67 22.66
CA PHE A 472 16.92 36.37 23.92
C PHE A 472 17.41 37.78 23.67
N THR A 473 17.60 38.12 22.39
CA THR A 473 18.09 39.44 22.05
C THR A 473 17.24 40.17 21.03
N LEU A 474 16.14 39.56 20.60
CA LEU A 474 15.29 40.21 19.63
C LEU A 474 14.83 41.53 20.24
N HIS A 475 14.66 42.53 19.38
CA HIS A 475 14.26 43.86 19.83
C HIS A 475 13.82 44.68 18.63
N SER A 476 13.26 45.85 18.90
CA SER A 476 12.80 46.72 17.84
C SER A 476 11.78 45.96 17.01
N TYR A 477 10.67 45.62 17.64
CA TYR A 477 9.61 44.89 16.96
C TYR A 477 8.84 45.81 16.01
N SER A 478 8.19 45.23 15.01
CA SER A 478 7.43 46.03 14.07
C SER A 478 6.31 46.72 14.82
N PRO A 479 5.87 47.90 14.34
CA PRO A 479 4.80 48.66 14.99
C PRO A 479 3.48 47.92 15.03
N GLY A 480 3.16 47.21 13.96
CA GLY A 480 1.91 46.47 13.92
C GLY A 480 1.83 45.42 15.02
N GLU A 481 2.95 44.77 15.28
CA GLU A 481 3.00 43.72 16.29
C GLU A 481 2.86 44.38 17.66
N ILE A 482 3.58 45.47 17.87
CA ILE A 482 3.52 46.19 19.15
C ILE A 482 2.11 46.70 19.42
N ASN A 483 1.51 47.33 18.43
CA ASN A 483 0.17 47.86 18.58
C ASN A 483 -0.85 46.76 18.88
N ARG A 484 -0.76 45.64 18.19
CA ARG A 484 -1.69 44.56 18.44
C ARG A 484 -1.54 44.11 19.88
N VAL A 485 -0.30 43.99 20.34
CA VAL A 485 -0.06 43.57 21.71
C VAL A 485 -0.62 44.56 22.72
N ALA A 486 -0.25 45.84 22.55
CA ALA A 486 -0.70 46.90 23.45
C ALA A 486 -2.22 46.97 23.48
N SER A 487 -2.80 46.94 22.29
CA SER A 487 -4.24 47.00 22.14
C SER A 487 -4.87 45.87 22.94
N CYS A 488 -4.35 44.67 22.73
CA CYS A 488 -4.85 43.49 23.42
C CYS A 488 -4.89 43.66 24.94
N LEU A 489 -3.75 43.99 25.53
CA LEU A 489 -3.65 44.19 26.97
C LEU A 489 -4.71 45.15 27.51
N ARG A 490 -4.90 46.27 26.81
CA ARG A 490 -5.89 47.24 27.24
C ARG A 490 -7.23 46.53 27.33
N LYS A 491 -7.59 45.82 26.26
CA LYS A 491 -8.84 45.08 26.17
C LYS A 491 -9.05 44.09 27.33
N LEU A 492 -8.05 43.26 27.59
CA LEU A 492 -8.13 42.25 28.64
C LEU A 492 -7.99 42.81 30.07
N GLY A 493 -7.42 44.00 30.20
CA GLY A 493 -7.24 44.56 31.53
C GLY A 493 -5.90 44.11 32.14
N VAL A 494 -4.94 43.85 31.25
CA VAL A 494 -3.60 43.41 31.63
C VAL A 494 -2.69 44.65 31.71
N PRO A 495 -1.91 44.79 32.79
CA PRO A 495 -1.03 45.96 32.92
C PRO A 495 -0.20 46.21 31.66
N PRO A 496 0.03 47.49 31.31
CA PRO A 496 0.81 47.82 30.11
C PRO A 496 2.22 47.24 30.17
N LEU A 497 2.90 47.24 29.03
CA LEU A 497 4.25 46.69 28.96
C LEU A 497 5.26 47.34 29.90
N ARG A 498 5.14 48.63 30.16
CA ARG A 498 6.08 49.27 31.08
C ARG A 498 6.02 48.58 32.44
N THR A 499 4.82 48.22 32.89
CA THR A 499 4.69 47.54 34.16
C THR A 499 5.37 46.18 34.14
N TRP A 500 5.32 45.50 32.99
CA TRP A 500 5.96 44.20 32.88
C TRP A 500 7.49 44.32 32.93
N ARG A 501 8.01 45.38 32.31
CA ARG A 501 9.45 45.62 32.31
C ARG A 501 9.88 45.75 33.77
N HIS A 502 9.14 46.55 34.53
CA HIS A 502 9.47 46.75 35.94
C HIS A 502 9.48 45.42 36.71
N ARG A 503 8.40 44.65 36.57
CA ARG A 503 8.31 43.37 37.26
C ARG A 503 9.45 42.42 36.89
N ALA A 504 9.79 42.36 35.61
CA ALA A 504 10.86 41.49 35.15
C ALA A 504 12.20 41.84 35.80
N ARG A 505 12.46 43.14 35.95
CA ARG A 505 13.69 43.58 36.58
C ARG A 505 13.84 42.93 37.96
N SER A 506 12.72 42.82 38.67
CA SER A 506 12.72 42.22 39.99
C SER A 506 12.92 40.72 39.91
N VAL A 507 12.11 40.06 39.07
CA VAL A 507 12.20 38.62 38.89
C VAL A 507 13.63 38.22 38.56
N ARG A 508 14.20 38.85 37.54
CA ARG A 508 15.57 38.55 37.12
C ARG A 508 16.50 38.64 38.32
N ALA A 509 16.48 39.78 38.97
CA ALA A 509 17.31 40.01 40.14
C ALA A 509 17.25 38.81 41.09
N LYS A 510 16.05 38.40 41.48
CA LYS A 510 15.91 37.25 42.38
C LYS A 510 16.48 35.97 41.77
N LEU A 511 16.17 35.72 40.49
CA LEU A 511 16.67 34.53 39.82
C LEU A 511 18.19 34.46 39.87
N LEU A 512 18.85 35.54 39.47
CA LEU A 512 20.30 35.59 39.49
C LEU A 512 20.85 35.26 40.88
N SER A 513 20.23 35.82 41.91
CA SER A 513 20.65 35.60 43.30
C SER A 513 20.81 34.12 43.59
N GLN A 514 19.90 33.33 43.04
CA GLN A 514 19.91 31.89 43.27
C GLN A 514 21.01 31.11 42.59
N GLY A 515 21.65 31.72 41.60
CA GLY A 515 22.72 31.04 40.88
C GLY A 515 22.22 29.75 40.26
N GLY A 516 23.09 29.05 39.55
CA GLY A 516 22.70 27.80 38.93
C GLY A 516 21.80 27.99 37.73
N ARG A 517 20.91 27.04 37.51
CA ARG A 517 19.98 27.10 36.38
C ARG A 517 19.14 28.37 36.47
N ALA A 518 18.64 28.65 37.66
CA ALA A 518 17.83 29.83 37.88
C ALA A 518 18.58 31.08 37.41
N ALA A 519 19.83 31.20 37.81
CA ALA A 519 20.62 32.37 37.43
C ALA A 519 20.72 32.48 35.90
N THR A 520 20.65 31.33 35.23
CA THR A 520 20.74 31.33 33.77
C THR A 520 19.43 31.86 33.21
N CYS A 521 18.32 31.39 33.78
CA CYS A 521 17.00 31.82 33.34
C CYS A 521 16.92 33.33 33.39
N GLY A 522 17.42 33.90 34.47
CA GLY A 522 17.39 35.34 34.62
C GLY A 522 18.34 36.01 33.65
N ARG A 523 19.49 35.40 33.40
CA ARG A 523 20.48 35.99 32.51
C ARG A 523 20.02 35.99 31.05
N TYR A 524 19.44 34.87 30.63
CA TYR A 524 19.00 34.73 29.24
C TYR A 524 17.57 35.20 28.95
N LEU A 525 16.61 34.72 29.72
CA LEU A 525 15.21 35.08 29.49
C LEU A 525 14.88 36.54 29.74
N PHE A 526 15.56 37.15 30.72
CA PHE A 526 15.28 38.55 31.06
C PHE A 526 16.33 39.60 30.69
N ASN A 527 17.29 39.22 29.87
CA ASN A 527 18.31 40.16 29.45
C ASN A 527 17.68 41.41 28.84
N TRP A 528 16.44 41.27 28.41
CA TRP A 528 15.74 42.38 27.79
C TRP A 528 15.28 43.43 28.81
N ALA A 529 15.25 43.04 30.08
CA ALA A 529 14.80 43.95 31.14
C ALA A 529 15.84 44.99 31.55
N VAL A 530 17.12 44.65 31.42
CA VAL A 530 18.22 45.54 31.79
C VAL A 530 18.72 46.33 30.58
N ARG A 531 19.41 47.44 30.83
CA ARG A 531 19.94 48.23 29.71
C ARG A 531 21.41 47.97 29.49
N THR A 532 22.11 47.65 30.57
CA THR A 532 23.52 47.30 30.48
C THR A 532 23.49 45.80 30.31
N LYS A 533 22.98 45.39 29.14
CA LYS A 533 22.84 43.99 28.78
C LYS A 533 24.11 43.17 28.80
N LEU A 534 23.97 41.89 29.14
CA LEU A 534 25.10 40.97 29.19
C LEU A 534 25.31 40.37 27.80
N LYS A 535 26.51 39.88 27.55
CA LYS A 535 26.82 39.27 26.27
C LYS A 535 26.42 37.82 26.39
N LEU A 536 25.35 37.45 25.70
CA LEU A 536 24.86 36.08 25.77
C LEU A 536 25.58 35.13 24.83
N THR A 537 26.20 34.12 25.42
CA THR A 537 26.96 33.12 24.70
C THR A 537 26.25 31.78 24.80
N PRO A 538 26.48 30.90 23.83
CA PRO A 538 25.87 29.57 23.78
C PRO A 538 25.84 28.90 25.15
N ILE A 539 24.70 28.32 25.50
CA ILE A 539 24.58 27.63 26.78
C ILE A 539 25.02 26.20 26.59
N PRO A 540 26.06 25.77 27.34
CA PRO A 540 26.59 24.42 27.25
C PRO A 540 25.56 23.27 27.29
N ALA A 541 24.93 23.09 28.44
CA ALA A 541 23.95 22.01 28.63
C ALA A 541 22.82 21.94 27.60
N ALA A 542 22.77 22.90 26.67
CA ALA A 542 21.72 22.93 25.66
C ALA A 542 21.79 21.78 24.65
N SER A 543 22.81 21.79 23.80
CA SER A 543 22.97 20.75 22.78
C SER A 543 23.08 19.33 23.35
N GLN A 544 23.24 19.23 24.67
CA GLN A 544 23.32 17.94 25.34
C GLN A 544 21.90 17.39 25.50
N LEU A 545 20.93 18.27 25.32
CA LEU A 545 19.51 17.95 25.45
C LEU A 545 18.98 17.11 24.29
N ASP A 546 18.21 16.08 24.61
CA ASP A 546 17.63 15.21 23.60
C ASP A 546 16.29 15.76 23.14
N LEU A 547 16.29 16.42 21.99
CA LEU A 547 15.06 17.00 21.47
C LEU A 547 14.56 16.26 20.26
N SER A 548 15.22 15.17 19.91
CA SER A 548 14.78 14.39 18.76
C SER A 548 13.35 13.99 19.10
N GLY A 549 12.51 13.91 18.08
CA GLY A 549 11.13 13.54 18.31
C GLY A 549 10.25 14.68 18.75
N TRP A 550 10.83 15.88 18.85
CA TRP A 550 10.08 17.04 19.27
C TRP A 550 9.27 17.69 18.15
N PHE A 551 9.78 17.61 16.94
CA PHE A 551 9.05 18.20 15.85
C PHE A 551 9.09 17.28 14.66
N VAL A 552 8.53 16.10 14.87
CA VAL A 552 8.46 15.07 13.85
C VAL A 552 7.05 14.87 13.36
N ALA A 553 6.09 14.78 14.27
CA ALA A 553 4.71 14.56 13.86
C ALA A 553 3.66 15.12 14.79
N GLY A 554 2.48 15.40 14.25
CA GLY A 554 1.38 15.90 15.05
C GLY A 554 0.59 14.75 15.66
N TYR A 555 0.05 14.96 16.86
CA TYR A 555 -0.70 13.91 17.53
C TYR A 555 -1.91 14.47 18.26
N SER A 556 -2.48 15.54 17.73
CA SER A 556 -3.65 16.16 18.35
C SER A 556 -4.75 15.13 18.64
N GLY A 557 -5.06 14.93 19.92
CA GLY A 557 -6.08 13.97 20.30
C GLY A 557 -5.62 12.54 20.13
N GLY A 558 -4.31 12.33 19.99
CA GLY A 558 -3.77 11.00 19.80
C GLY A 558 -3.40 10.22 21.06
N ASP A 559 -3.58 10.83 22.23
CA ASP A 559 -3.28 10.19 23.49
C ASP A 559 -1.79 9.84 23.57
N ILE A 560 -0.95 10.72 23.06
CA ILE A 560 0.50 10.49 23.04
C ILE A 560 1.25 11.25 24.12
N TYR A 561 2.24 10.60 24.70
CA TYR A 561 3.04 11.18 25.76
C TYR A 561 4.42 10.54 25.83
N HIS A 562 5.41 11.16 25.21
CA HIS A 562 6.74 10.63 25.33
C HIS A 562 7.61 11.76 25.82
N SER A 563 7.87 11.73 27.12
CA SER A 563 8.67 12.76 27.77
C SER A 563 9.73 12.15 28.69
N SER B 1 11.19 -22.78 7.97
CA SER B 1 10.19 -23.83 8.34
C SER B 1 10.16 -24.96 7.31
N MET B 2 9.50 -26.06 7.65
CA MET B 2 9.43 -27.18 6.71
C MET B 2 8.40 -26.88 5.63
N SER B 3 8.76 -27.13 4.39
CA SER B 3 7.84 -26.91 3.28
C SER B 3 6.60 -27.80 3.48
N TYR B 4 6.83 -29.00 3.96
CA TYR B 4 5.77 -29.97 4.17
C TYR B 4 5.98 -30.79 5.44
N THR B 5 4.87 -31.33 5.94
CA THR B 5 4.87 -32.17 7.12
C THR B 5 3.90 -33.28 6.79
N TRP B 6 4.35 -34.53 6.85
CA TRP B 6 3.49 -35.65 6.50
C TRP B 6 3.06 -36.49 7.70
N THR B 7 1.82 -36.95 7.68
CA THR B 7 1.27 -37.75 8.77
C THR B 7 1.47 -39.24 8.53
N GLY B 8 1.66 -39.60 7.26
CA GLY B 8 1.83 -41.00 6.94
C GLY B 8 0.72 -41.47 6.01
N ALA B 9 -0.44 -40.84 6.09
CA ALA B 9 -1.58 -41.19 5.23
C ALA B 9 -1.15 -40.98 3.79
N LEU B 10 -1.73 -41.79 2.89
CA LEU B 10 -1.39 -41.73 1.48
C LEU B 10 -2.05 -40.66 0.63
N ILE B 11 -1.36 -40.33 -0.43
CA ILE B 11 -1.86 -39.38 -1.40
C ILE B 11 -2.55 -40.39 -2.31
N THR B 12 -3.83 -40.59 -2.06
CA THR B 12 -4.64 -41.55 -2.79
C THR B 12 -5.15 -41.16 -4.18
N PRO B 13 -5.45 -42.17 -5.02
CA PRO B 13 -5.94 -42.06 -6.39
C PRO B 13 -7.43 -41.69 -6.45
N CYS B 14 -8.17 -42.43 -7.27
CA CYS B 14 -9.61 -42.27 -7.46
C CYS B 14 -10.04 -42.71 -8.87
N ALA B 15 -9.09 -42.74 -9.79
CA ALA B 15 -9.38 -43.13 -11.18
C ALA B 15 -8.47 -44.22 -11.71
N ALA B 16 -7.72 -44.86 -10.80
CA ALA B 16 -6.78 -45.94 -11.12
C ALA B 16 -5.34 -45.40 -11.17
N GLU B 17 -4.98 -44.59 -10.18
CA GLU B 17 -3.63 -44.02 -10.07
C GLU B 17 -2.71 -45.04 -9.38
N MET B 36 7.02 -47.38 -24.28
CA MET B 36 7.90 -46.25 -23.84
C MET B 36 7.14 -45.02 -23.28
N VAL B 37 5.81 -45.06 -23.28
CA VAL B 37 5.04 -43.92 -22.81
C VAL B 37 4.11 -44.16 -21.61
N TYR B 38 4.45 -43.49 -20.52
CA TYR B 38 3.74 -43.59 -19.25
C TYR B 38 3.01 -42.33 -18.77
N ALA B 39 2.07 -42.52 -17.86
CA ALA B 39 1.29 -41.45 -17.27
C ALA B 39 1.61 -41.50 -15.78
N THR B 40 2.02 -40.38 -15.20
CA THR B 40 2.37 -40.34 -13.79
C THR B 40 1.19 -40.81 -12.94
N THR B 41 1.49 -41.53 -11.87
CA THR B 41 0.45 -42.03 -10.98
C THR B 41 0.71 -41.60 -9.53
N SER B 42 -0.14 -42.06 -8.62
CA SER B 42 0.01 -41.71 -7.21
C SER B 42 0.97 -42.65 -6.50
N ARG B 43 1.44 -43.67 -7.22
CA ARG B 43 2.38 -44.62 -6.65
C ARG B 43 3.79 -44.02 -6.56
N SER B 44 4.13 -43.17 -7.53
CA SER B 44 5.45 -42.51 -7.55
C SER B 44 5.38 -41.19 -6.79
N ALA B 45 4.28 -40.99 -6.08
CA ALA B 45 4.06 -39.78 -5.30
C ALA B 45 5.05 -39.62 -4.16
N SER B 46 5.24 -40.67 -3.37
CA SER B 46 6.17 -40.61 -2.25
C SER B 46 7.52 -40.10 -2.72
N LEU B 47 7.90 -40.54 -3.92
CA LEU B 47 9.17 -40.16 -4.52
C LEU B 47 9.29 -38.65 -4.72
N ARG B 48 8.18 -38.03 -5.07
CA ARG B 48 8.12 -36.59 -5.29
C ARG B 48 8.08 -35.80 -3.96
N GLN B 49 7.34 -36.32 -2.99
CA GLN B 49 7.22 -35.69 -1.67
C GLN B 49 8.60 -35.53 -1.05
N LYS B 50 9.38 -36.58 -1.19
CA LYS B 50 10.74 -36.63 -0.68
C LYS B 50 11.50 -35.46 -1.26
N LYS B 51 11.26 -35.18 -2.55
CA LYS B 51 11.95 -34.11 -3.24
C LYS B 51 11.53 -32.70 -2.88
N VAL B 52 10.24 -32.50 -2.60
CA VAL B 52 9.73 -31.17 -2.27
C VAL B 52 9.68 -30.85 -0.80
N THR B 53 10.06 -31.84 0.02
CA THR B 53 10.05 -31.66 1.47
C THR B 53 11.41 -31.26 2.01
N PHE B 54 11.53 -30.02 2.43
CA PHE B 54 12.79 -29.56 2.99
C PHE B 54 12.58 -28.27 3.75
N ASP B 55 13.59 -27.85 4.49
CA ASP B 55 13.48 -26.63 5.26
C ASP B 55 14.02 -25.45 4.46
N ARG B 56 13.24 -24.36 4.40
CA ARG B 56 13.64 -23.16 3.70
C ARG B 56 14.25 -22.24 4.72
N LEU B 57 15.47 -21.76 4.46
CA LEU B 57 16.13 -20.85 5.39
C LEU B 57 16.54 -19.61 4.59
N GLN B 58 15.60 -18.68 4.52
CA GLN B 58 15.73 -17.44 3.77
C GLN B 58 16.41 -16.27 4.49
N VAL B 59 17.19 -15.49 3.75
CA VAL B 59 17.88 -14.32 4.30
C VAL B 59 17.82 -13.18 3.28
N LEU B 60 17.08 -12.13 3.60
CA LEU B 60 16.95 -10.99 2.68
C LEU B 60 17.98 -9.88 2.95
N ASP B 61 18.32 -9.10 1.93
CA ASP B 61 19.27 -8.00 2.07
C ASP B 61 18.67 -6.69 1.57
N ASP B 62 19.52 -5.72 1.26
CA ASP B 62 19.04 -4.43 0.78
C ASP B 62 18.57 -4.43 -0.67
N HIS B 63 19.17 -5.26 -1.50
CA HIS B 63 18.77 -5.30 -2.90
C HIS B 63 17.36 -5.80 -3.02
N TYR B 64 17.02 -6.76 -2.16
CA TYR B 64 15.69 -7.33 -2.16
C TYR B 64 14.70 -6.26 -1.74
N ARG B 65 14.97 -5.65 -0.59
CA ARG B 65 14.10 -4.61 -0.05
C ARG B 65 13.97 -3.44 -1.01
N ASP B 66 15.04 -3.19 -1.75
CA ASP B 66 15.07 -2.12 -2.74
C ASP B 66 14.10 -2.40 -3.89
N VAL B 67 14.20 -3.60 -4.45
CA VAL B 67 13.37 -3.99 -5.58
C VAL B 67 11.89 -4.09 -5.22
N LEU B 68 11.63 -4.51 -3.98
CA LEU B 68 10.26 -4.66 -3.52
C LEU B 68 9.60 -3.29 -3.50
N LYS B 69 10.24 -2.33 -2.88
CA LYS B 69 9.68 -0.99 -2.83
C LYS B 69 9.42 -0.45 -4.24
N GLU B 70 10.28 -0.81 -5.19
CA GLU B 70 10.14 -0.33 -6.56
C GLU B 70 8.91 -0.96 -7.19
N MET B 71 8.74 -2.25 -6.93
CA MET B 71 7.59 -2.98 -7.48
C MET B 71 6.31 -2.47 -6.85
N LYS B 72 6.37 -2.12 -5.57
CA LYS B 72 5.19 -1.64 -4.86
C LYS B 72 4.72 -0.28 -5.36
N ALA B 73 5.66 0.62 -5.67
CA ALA B 73 5.26 1.93 -6.16
C ALA B 73 4.44 1.76 -7.44
N LYS B 74 4.85 0.82 -8.28
CA LYS B 74 4.14 0.59 -9.53
C LYS B 74 2.77 -0.01 -9.27
N ALA B 75 2.70 -0.92 -8.28
CA ALA B 75 1.42 -1.55 -7.93
C ALA B 75 0.42 -0.52 -7.42
N SER B 76 0.96 0.56 -6.83
CA SER B 76 0.18 1.66 -6.29
C SER B 76 -0.78 2.29 -7.27
N THR B 77 -0.41 2.24 -8.55
CA THR B 77 -1.22 2.83 -9.61
C THR B 77 -2.49 2.04 -9.88
N VAL B 78 -2.42 0.73 -9.66
CA VAL B 78 -3.54 -0.18 -9.90
C VAL B 78 -4.80 0.02 -9.06
N LYS B 79 -5.96 -0.16 -9.70
CA LYS B 79 -7.26 -0.08 -9.05
C LYS B 79 -8.03 -1.32 -9.48
N ALA B 80 -8.04 -2.33 -8.63
CA ALA B 80 -8.71 -3.58 -8.95
C ALA B 80 -10.15 -3.53 -8.52
N LYS B 81 -11.00 -4.23 -9.24
CA LYS B 81 -12.42 -4.26 -8.92
C LYS B 81 -12.86 -5.57 -8.30
N LEU B 82 -14.00 -5.52 -7.63
CA LEU B 82 -14.56 -6.69 -6.98
C LEU B 82 -15.50 -7.35 -7.96
N LEU B 83 -15.25 -8.61 -8.27
CA LEU B 83 -16.09 -9.35 -9.21
C LEU B 83 -17.43 -9.72 -8.59
N SER B 84 -18.47 -9.73 -9.41
CA SER B 84 -19.80 -10.10 -8.94
C SER B 84 -19.80 -11.61 -8.80
N ILE B 85 -20.63 -12.15 -7.91
CA ILE B 85 -20.69 -13.59 -7.75
C ILE B 85 -20.94 -14.20 -9.13
N GLU B 86 -21.89 -13.62 -9.84
CA GLU B 86 -22.21 -14.10 -11.16
C GLU B 86 -20.95 -14.13 -12.02
N GLU B 87 -20.23 -13.02 -12.07
CA GLU B 87 -19.00 -12.96 -12.88
C GLU B 87 -18.00 -14.03 -12.53
N ALA B 88 -17.82 -14.26 -11.23
CA ALA B 88 -16.86 -15.26 -10.80
C ALA B 88 -17.37 -16.64 -11.20
N CYS B 89 -18.68 -16.83 -11.11
CA CYS B 89 -19.27 -18.10 -11.46
C CYS B 89 -18.97 -18.47 -12.92
N LYS B 90 -19.14 -17.50 -13.81
CA LYS B 90 -18.91 -17.71 -15.24
C LYS B 90 -17.47 -18.07 -15.58
N LEU B 91 -16.51 -17.52 -14.85
CA LEU B 91 -15.10 -17.81 -15.09
C LEU B 91 -14.71 -19.24 -14.73
N THR B 92 -15.63 -19.97 -14.11
CA THR B 92 -15.38 -21.35 -13.69
C THR B 92 -15.43 -22.42 -14.77
N PRO B 93 -14.35 -23.20 -14.94
CA PRO B 93 -14.34 -24.25 -15.96
C PRO B 93 -15.52 -25.19 -15.75
N PRO B 94 -16.07 -25.74 -16.85
CA PRO B 94 -17.21 -26.66 -16.86
C PRO B 94 -16.97 -28.00 -16.18
N HIS B 95 -15.75 -28.49 -16.18
CA HIS B 95 -15.47 -29.76 -15.54
C HIS B 95 -14.68 -29.61 -14.25
N SER B 96 -14.58 -28.37 -13.78
CA SER B 96 -13.86 -28.07 -12.54
C SER B 96 -14.34 -29.03 -11.43
N ALA B 97 -13.46 -29.38 -10.50
CA ALA B 97 -13.81 -30.31 -9.42
C ALA B 97 -15.01 -29.85 -8.60
N LYS B 98 -15.99 -30.74 -8.47
CA LYS B 98 -17.20 -30.43 -7.72
C LYS B 98 -16.87 -30.09 -6.26
N SER B 99 -17.80 -29.42 -5.60
CA SER B 99 -17.64 -29.04 -4.22
C SER B 99 -18.09 -30.14 -3.27
N LYS B 100 -17.37 -30.24 -2.16
CA LYS B 100 -17.63 -31.20 -1.11
C LYS B 100 -19.06 -31.01 -0.57
N PHE B 101 -19.67 -29.88 -0.91
CA PHE B 101 -21.01 -29.54 -0.43
C PHE B 101 -22.21 -29.76 -1.33
N GLY B 102 -22.13 -30.72 -2.23
CA GLY B 102 -23.29 -31.01 -3.06
C GLY B 102 -23.59 -30.20 -4.30
N TYR B 103 -22.55 -29.73 -4.99
CA TYR B 103 -22.75 -29.00 -6.24
C TYR B 103 -21.45 -29.00 -7.03
N GLY B 104 -21.55 -28.85 -8.35
CA GLY B 104 -20.36 -28.85 -9.18
C GLY B 104 -20.27 -27.65 -10.11
N ALA B 105 -19.19 -27.58 -10.87
CA ALA B 105 -19.00 -26.47 -11.79
C ALA B 105 -20.27 -26.24 -12.58
N LYS B 106 -20.93 -27.34 -12.95
CA LYS B 106 -22.18 -27.28 -13.70
C LYS B 106 -23.16 -26.35 -12.98
N ASP B 107 -23.35 -26.59 -11.69
CA ASP B 107 -24.26 -25.79 -10.89
C ASP B 107 -23.79 -24.35 -10.64
N VAL B 108 -22.47 -24.15 -10.60
CA VAL B 108 -21.92 -22.82 -10.37
C VAL B 108 -22.23 -21.90 -11.56
N ARG B 109 -21.93 -22.39 -12.76
CA ARG B 109 -22.15 -21.63 -13.99
C ARG B 109 -23.61 -21.31 -14.21
N ASN B 110 -24.50 -22.16 -13.72
CA ASN B 110 -25.92 -21.90 -13.87
C ASN B 110 -26.48 -21.07 -12.73
N LEU B 111 -25.62 -20.77 -11.75
CA LEU B 111 -26.03 -19.98 -10.58
C LEU B 111 -27.09 -20.68 -9.75
N SER B 112 -27.00 -22.00 -9.65
CA SER B 112 -27.98 -22.76 -8.89
C SER B 112 -27.89 -22.39 -7.42
N SER B 113 -28.99 -21.89 -6.88
CA SER B 113 -29.07 -21.48 -5.49
C SER B 113 -28.13 -22.20 -4.51
N ARG B 114 -28.31 -23.50 -4.33
CA ARG B 114 -27.46 -24.24 -3.40
C ARG B 114 -26.00 -23.82 -3.48
N ALA B 115 -25.50 -23.63 -4.70
CA ALA B 115 -24.11 -23.23 -4.90
C ALA B 115 -23.91 -21.75 -4.59
N VAL B 116 -24.71 -20.89 -5.21
CA VAL B 116 -24.60 -19.46 -5.01
C VAL B 116 -24.65 -19.09 -3.54
N ASN B 117 -25.60 -19.67 -2.83
CA ASN B 117 -25.74 -19.35 -1.41
C ASN B 117 -24.61 -19.92 -0.57
N HIS B 118 -24.00 -21.01 -1.00
CA HIS B 118 -22.87 -21.58 -0.27
C HIS B 118 -21.63 -20.70 -0.51
N ILE B 119 -21.54 -20.15 -1.72
CA ILE B 119 -20.44 -19.27 -2.08
C ILE B 119 -20.56 -17.99 -1.25
N ARG B 120 -21.73 -17.38 -1.25
CA ARG B 120 -21.96 -16.17 -0.46
C ARG B 120 -21.57 -16.54 0.97
N SER B 121 -21.84 -17.79 1.31
CA SER B 121 -21.56 -18.33 2.63
C SER B 121 -20.05 -18.34 2.85
N VAL B 122 -19.31 -18.91 1.90
CA VAL B 122 -17.86 -18.98 2.02
C VAL B 122 -17.26 -17.60 2.08
N TRP B 123 -17.87 -16.65 1.39
CA TRP B 123 -17.39 -15.27 1.39
C TRP B 123 -17.58 -14.61 2.76
N GLU B 124 -18.77 -14.74 3.35
CA GLU B 124 -18.98 -14.16 4.66
C GLU B 124 -17.90 -14.67 5.62
N ASP B 125 -17.63 -15.97 5.58
CA ASP B 125 -16.62 -16.59 6.45
C ASP B 125 -15.21 -16.02 6.25
N LEU B 126 -14.93 -15.46 5.08
CA LEU B 126 -13.61 -14.88 4.85
C LEU B 126 -13.55 -13.56 5.61
N LEU B 127 -14.71 -12.95 5.81
CA LEU B 127 -14.80 -11.68 6.51
C LEU B 127 -15.00 -11.89 8.00
N GLU B 128 -15.55 -13.04 8.36
CA GLU B 128 -15.84 -13.36 9.75
C GLU B 128 -14.73 -14.11 10.46
N ASP B 129 -13.82 -14.71 9.70
CA ASP B 129 -12.73 -15.49 10.28
C ASP B 129 -11.45 -15.12 9.55
N THR B 130 -10.43 -14.74 10.30
CA THR B 130 -9.15 -14.35 9.68
C THR B 130 -8.04 -15.33 10.02
N GLU B 131 -8.32 -16.40 10.76
CA GLU B 131 -7.26 -17.31 11.16
C GLU B 131 -7.37 -18.78 10.81
N THR B 132 -8.57 -19.35 10.93
CA THR B 132 -8.74 -20.77 10.67
C THR B 132 -8.24 -21.26 9.32
N PRO B 133 -7.24 -22.14 9.32
CA PRO B 133 -6.71 -22.65 8.05
C PRO B 133 -7.84 -23.22 7.22
N ILE B 134 -7.74 -23.01 5.91
CA ILE B 134 -8.74 -23.50 4.98
C ILE B 134 -8.23 -24.83 4.48
N ASP B 135 -9.11 -25.81 4.44
CA ASP B 135 -8.74 -27.13 3.99
C ASP B 135 -8.36 -27.14 2.51
N THR B 136 -7.52 -28.10 2.12
CA THR B 136 -7.08 -28.29 0.74
C THR B 136 -6.92 -29.78 0.44
N THR B 137 -7.13 -30.14 -0.83
CA THR B 137 -7.01 -31.51 -1.28
C THR B 137 -5.68 -31.64 -1.99
N ILE B 138 -4.90 -32.66 -1.63
CA ILE B 138 -3.63 -32.89 -2.31
C ILE B 138 -3.83 -34.09 -3.23
N MET B 139 -3.14 -34.10 -4.36
CA MET B 139 -3.28 -35.20 -5.30
C MET B 139 -2.06 -35.34 -6.18
N ALA B 140 -1.81 -36.55 -6.62
CA ALA B 140 -0.70 -36.84 -7.51
C ALA B 140 -1.25 -36.46 -8.88
N LYS B 141 -0.52 -35.64 -9.63
CA LYS B 141 -1.03 -35.25 -10.94
C LYS B 141 -0.76 -36.32 -11.98
N SER B 142 -1.59 -36.33 -13.01
CA SER B 142 -1.45 -37.32 -14.09
C SER B 142 -0.91 -36.64 -15.34
N GLU B 143 0.32 -37.00 -15.72
CA GLU B 143 0.94 -36.44 -16.89
C GLU B 143 1.62 -37.54 -17.68
N VAL B 144 1.70 -37.36 -18.99
CA VAL B 144 2.33 -38.36 -19.86
C VAL B 144 3.73 -37.92 -20.30
N PHE B 145 4.65 -38.87 -20.33
CA PHE B 145 6.05 -38.61 -20.73
C PHE B 145 6.66 -39.84 -21.42
N CYS B 146 7.94 -39.73 -21.76
CA CYS B 146 8.67 -40.82 -22.42
C CYS B 146 9.91 -41.19 -21.60
N VAL B 147 10.01 -42.47 -21.24
CA VAL B 147 11.12 -42.98 -20.44
C VAL B 147 12.48 -42.67 -21.07
N GLN B 148 13.47 -42.35 -20.24
CA GLN B 148 14.81 -42.06 -20.73
C GLN B 148 15.74 -43.28 -20.53
N GLY B 153 16.15 -42.61 -16.13
CA GLY B 153 15.14 -42.36 -15.06
C GLY B 153 13.73 -42.14 -15.59
N ARG B 154 12.78 -42.03 -14.66
CA ARG B 154 11.36 -41.82 -14.98
C ARG B 154 10.76 -40.89 -13.93
N LYS B 155 10.30 -39.72 -14.35
CA LYS B 155 9.76 -38.74 -13.41
C LYS B 155 8.45 -39.04 -12.70
N PRO B 156 8.43 -38.78 -11.38
CA PRO B 156 7.26 -39.01 -10.53
C PRO B 156 6.26 -37.88 -10.72
N ALA B 157 5.04 -38.11 -10.28
CA ALA B 157 3.98 -37.13 -10.42
C ALA B 157 4.20 -35.89 -9.59
N ARG B 158 3.72 -34.76 -10.09
CA ARG B 158 3.82 -33.52 -9.36
C ARG B 158 2.59 -33.53 -8.44
N LEU B 159 2.62 -32.70 -7.42
CA LEU B 159 1.49 -32.65 -6.51
C LEU B 159 0.57 -31.49 -6.84
N ILE B 160 -0.71 -31.63 -6.55
CA ILE B 160 -1.63 -30.53 -6.76
C ILE B 160 -2.37 -30.35 -5.46
N VAL B 161 -2.42 -29.11 -4.99
CA VAL B 161 -3.10 -28.77 -3.75
C VAL B 161 -4.14 -27.72 -4.13
N PHE B 162 -5.38 -27.92 -3.73
CA PHE B 162 -6.39 -26.93 -4.06
C PHE B 162 -7.57 -26.95 -3.09
N PRO B 163 -8.17 -25.77 -2.85
CA PRO B 163 -9.31 -25.63 -1.95
C PRO B 163 -10.59 -26.07 -2.64
N ASP B 164 -11.68 -26.11 -1.88
CA ASP B 164 -12.97 -26.51 -2.39
C ASP B 164 -13.47 -25.50 -3.40
N LEU B 165 -14.42 -25.94 -4.23
CA LEU B 165 -15.00 -25.11 -5.27
C LEU B 165 -15.47 -23.74 -4.76
N GLY B 166 -16.25 -23.74 -3.69
CA GLY B 166 -16.75 -22.49 -3.14
C GLY B 166 -15.64 -21.48 -2.91
N VAL B 167 -14.57 -21.92 -2.28
CA VAL B 167 -13.44 -21.07 -2.01
C VAL B 167 -12.83 -20.59 -3.33
N ARG B 168 -12.70 -21.50 -4.29
CA ARG B 168 -12.12 -21.16 -5.58
C ARG B 168 -12.89 -20.03 -6.24
N VAL B 169 -14.21 -20.03 -6.06
CA VAL B 169 -15.00 -18.96 -6.67
C VAL B 169 -14.80 -17.62 -5.94
N CYS B 170 -14.62 -17.67 -4.63
CA CYS B 170 -14.42 -16.44 -3.88
C CYS B 170 -13.08 -15.82 -4.19
N GLU B 171 -12.10 -16.66 -4.49
CA GLU B 171 -10.78 -16.15 -4.81
C GLU B 171 -10.93 -15.26 -6.03
N LYS B 172 -11.78 -15.69 -6.96
CA LYS B 172 -11.96 -14.93 -8.17
C LYS B 172 -12.56 -13.58 -7.86
N MET B 173 -13.64 -13.55 -7.08
CA MET B 173 -14.26 -12.27 -6.75
C MET B 173 -13.29 -11.27 -6.17
N ALA B 174 -12.37 -11.74 -5.34
CA ALA B 174 -11.42 -10.84 -4.69
C ALA B 174 -10.10 -10.59 -5.41
N LEU B 175 -9.63 -11.57 -6.18
CA LEU B 175 -8.33 -11.37 -6.82
C LEU B 175 -8.22 -11.55 -8.34
N TYR B 176 -9.28 -12.01 -8.98
CA TYR B 176 -9.21 -12.20 -10.43
C TYR B 176 -8.67 -10.96 -11.11
N ASP B 177 -9.36 -9.83 -10.90
CA ASP B 177 -8.96 -8.56 -11.48
C ASP B 177 -7.49 -8.31 -11.14
N VAL B 178 -7.16 -8.43 -9.86
CA VAL B 178 -5.79 -8.21 -9.41
C VAL B 178 -4.76 -9.03 -10.16
N VAL B 179 -4.93 -10.35 -10.21
CA VAL B 179 -3.97 -11.22 -10.88
C VAL B 179 -3.96 -11.09 -12.41
N SER B 180 -4.95 -10.38 -12.96
CA SER B 180 -5.01 -10.21 -14.41
C SER B 180 -4.53 -8.83 -14.80
N THR B 181 -4.33 -7.99 -13.80
CA THR B 181 -3.95 -6.61 -14.02
C THR B 181 -2.61 -6.16 -13.47
N LEU B 182 -2.36 -6.52 -12.22
CA LEU B 182 -1.15 -6.11 -11.52
C LEU B 182 0.20 -6.53 -12.11
N PRO B 183 0.41 -7.82 -12.40
CA PRO B 183 1.67 -8.31 -12.97
C PRO B 183 2.23 -7.44 -14.10
N GLN B 184 1.37 -7.14 -15.06
CA GLN B 184 1.76 -6.30 -16.18
C GLN B 184 2.17 -4.93 -15.67
N ALA B 185 1.36 -4.38 -14.78
CA ALA B 185 1.60 -3.05 -14.22
C ALA B 185 2.89 -2.94 -13.41
N VAL B 186 3.30 -4.04 -12.79
CA VAL B 186 4.50 -4.05 -11.98
C VAL B 186 5.77 -4.42 -12.76
N MET B 187 5.67 -5.42 -13.63
CA MET B 187 6.85 -5.87 -14.37
C MET B 187 6.99 -5.38 -15.81
N GLY B 188 5.96 -4.77 -16.37
CA GLY B 188 6.06 -4.27 -17.73
C GLY B 188 6.45 -5.35 -18.71
N SER B 189 7.31 -5.01 -19.67
CA SER B 189 7.73 -5.95 -20.69
C SER B 189 8.24 -7.31 -20.20
N SER B 190 8.78 -7.36 -18.98
CA SER B 190 9.28 -8.62 -18.41
C SER B 190 8.18 -9.63 -18.09
N TYR B 191 6.93 -9.21 -18.08
CA TYR B 191 5.85 -10.15 -17.80
C TYR B 191 5.72 -11.04 -19.01
N GLY B 192 5.98 -12.32 -18.84
CA GLY B 192 5.90 -13.23 -19.97
C GLY B 192 4.53 -13.43 -20.60
N PHE B 193 3.56 -13.79 -19.78
CA PHE B 193 2.21 -14.09 -20.24
C PHE B 193 1.48 -13.06 -21.08
N GLN B 194 2.05 -11.90 -21.29
CA GLN B 194 1.41 -10.86 -22.09
C GLN B 194 1.75 -11.00 -23.57
N TYR B 195 2.63 -11.94 -23.88
CA TYR B 195 3.08 -12.14 -25.26
C TYR B 195 2.54 -13.36 -25.98
N SER B 196 2.31 -13.20 -27.28
CA SER B 196 1.86 -14.32 -28.10
C SER B 196 3.19 -14.88 -28.58
N PRO B 197 3.26 -16.18 -28.87
CA PRO B 197 4.52 -16.79 -29.33
C PRO B 197 5.35 -15.88 -30.24
N LYS B 198 4.73 -15.35 -31.29
CA LYS B 198 5.43 -14.45 -32.19
C LYS B 198 6.03 -13.30 -31.37
N GLN B 199 5.17 -12.66 -30.58
CA GLN B 199 5.58 -11.53 -29.74
C GLN B 199 6.73 -11.89 -28.80
N ARG B 200 6.64 -13.07 -28.19
CA ARG B 200 7.69 -13.51 -27.27
C ARG B 200 9.02 -13.53 -28.01
N VAL B 201 9.05 -14.22 -29.14
CA VAL B 201 10.27 -14.31 -29.95
C VAL B 201 10.79 -12.92 -30.28
N GLU B 202 9.87 -12.02 -30.60
CA GLU B 202 10.25 -10.66 -30.93
C GLU B 202 10.98 -10.01 -29.77
N PHE B 203 10.39 -10.10 -28.58
CA PHE B 203 11.01 -9.51 -27.40
C PHE B 203 12.39 -10.09 -27.14
N LEU B 204 12.50 -11.41 -27.24
CA LEU B 204 13.77 -12.06 -27.01
C LEU B 204 14.84 -11.59 -27.98
N VAL B 205 14.60 -11.78 -29.27
CA VAL B 205 15.57 -11.39 -30.28
C VAL B 205 15.94 -9.92 -30.17
N ASN B 206 14.94 -9.04 -30.07
CA ASN B 206 15.22 -7.62 -29.94
C ASN B 206 16.08 -7.33 -28.72
N THR B 207 15.78 -7.97 -27.60
CA THR B 207 16.56 -7.75 -26.40
C THR B 207 18.00 -8.15 -26.67
N TRP B 208 18.18 -9.35 -27.22
CA TRP B 208 19.53 -9.83 -27.53
C TRP B 208 20.29 -8.83 -28.39
N LYS B 209 19.64 -8.33 -29.44
CA LYS B 209 20.24 -7.35 -30.34
C LYS B 209 20.61 -6.06 -29.64
N SER B 210 19.65 -5.49 -28.91
CA SER B 210 19.87 -4.24 -28.20
C SER B 210 21.13 -4.22 -27.34
N LYS B 211 21.64 -5.40 -27.00
CA LYS B 211 22.86 -5.49 -26.18
C LYS B 211 24.08 -5.43 -27.10
N LYS B 212 25.17 -4.87 -26.58
CA LYS B 212 26.41 -4.78 -27.36
C LYS B 212 26.94 -6.20 -27.51
N CYS B 213 27.52 -6.73 -26.43
CA CYS B 213 28.02 -8.11 -26.44
C CYS B 213 27.10 -8.84 -25.48
N PRO B 214 26.01 -9.42 -26.00
CA PRO B 214 25.03 -10.16 -25.22
C PRO B 214 25.58 -11.31 -24.40
N MET B 215 24.71 -11.88 -23.59
CA MET B 215 25.03 -13.01 -22.73
C MET B 215 23.70 -13.35 -22.09
N GLY B 216 23.31 -14.62 -22.17
CA GLY B 216 22.05 -15.00 -21.60
C GLY B 216 22.08 -16.32 -20.89
N PHE B 217 21.02 -16.59 -20.13
CA PHE B 217 20.89 -17.83 -19.40
C PHE B 217 19.48 -17.94 -18.85
N SER B 218 19.07 -19.17 -18.59
CA SER B 218 17.76 -19.42 -18.04
C SER B 218 18.09 -19.85 -16.62
N TYR B 219 17.14 -19.71 -15.71
CA TYR B 219 17.40 -20.11 -14.33
C TYR B 219 16.30 -21.05 -13.88
N ASP B 220 16.70 -22.29 -13.64
CA ASP B 220 15.78 -23.32 -13.20
C ASP B 220 15.86 -23.41 -11.70
N THR B 221 14.77 -23.05 -11.03
CA THR B 221 14.72 -23.12 -9.58
C THR B 221 14.31 -24.54 -9.21
N ARG B 222 14.85 -25.05 -8.12
CA ARG B 222 14.56 -26.41 -7.71
C ARG B 222 13.21 -26.49 -6.99
N CYS B 223 12.17 -26.90 -7.69
CA CYS B 223 10.84 -27.02 -7.09
C CYS B 223 10.36 -25.69 -6.51
N PHE B 224 10.34 -24.66 -7.35
CA PHE B 224 9.91 -23.32 -6.96
C PHE B 224 8.78 -23.25 -5.92
N ASP B 225 7.65 -23.89 -6.21
CA ASP B 225 6.52 -23.85 -5.30
C ASP B 225 6.89 -24.16 -3.85
N SER B 226 7.70 -25.18 -3.64
CA SER B 226 8.09 -25.54 -2.27
C SER B 226 9.09 -24.56 -1.71
N THR B 227 9.71 -23.77 -2.57
CA THR B 227 10.68 -22.80 -2.10
C THR B 227 10.04 -21.50 -1.66
N VAL B 228 8.79 -21.28 -2.05
CA VAL B 228 8.07 -20.06 -1.66
C VAL B 228 7.81 -20.12 -0.17
N THR B 229 8.25 -19.10 0.55
CA THR B 229 8.11 -19.06 2.01
C THR B 229 6.91 -18.26 2.51
N GLU B 230 6.56 -18.45 3.79
CA GLU B 230 5.46 -17.69 4.37
C GLU B 230 5.76 -16.22 4.15
N SER B 231 7.02 -15.86 4.30
CA SER B 231 7.42 -14.49 4.08
C SER B 231 7.12 -14.06 2.64
N ASP B 232 7.51 -14.89 1.67
CA ASP B 232 7.29 -14.57 0.26
C ASP B 232 5.83 -14.28 -0.05
N ILE B 233 4.95 -15.13 0.47
CA ILE B 233 3.53 -14.98 0.25
C ILE B 233 2.96 -13.74 0.96
N ARG B 234 3.57 -13.35 2.07
CA ARG B 234 3.12 -12.16 2.78
C ARG B 234 3.65 -10.90 2.10
N VAL B 235 4.85 -11.00 1.53
CA VAL B 235 5.45 -9.89 0.81
C VAL B 235 4.58 -9.70 -0.42
N GLU B 236 4.22 -10.82 -1.04
CA GLU B 236 3.36 -10.80 -2.20
C GLU B 236 2.06 -10.04 -1.88
N GLU B 237 1.46 -10.38 -0.74
CA GLU B 237 0.24 -9.72 -0.33
C GLU B 237 0.44 -8.22 -0.27
N SER B 238 1.58 -7.80 0.28
CA SER B 238 1.86 -6.37 0.42
C SER B 238 1.85 -5.70 -0.94
N ILE B 239 2.13 -6.46 -1.99
CA ILE B 239 2.09 -5.86 -3.30
C ILE B 239 0.62 -5.69 -3.69
N TYR B 240 -0.20 -6.71 -3.45
CA TYR B 240 -1.62 -6.63 -3.78
C TYR B 240 -2.30 -5.52 -2.99
N GLN B 241 -1.95 -5.39 -1.72
CA GLN B 241 -2.54 -4.39 -0.85
C GLN B 241 -2.28 -2.94 -1.29
N CYS B 242 -1.38 -2.76 -2.24
CA CYS B 242 -1.10 -1.42 -2.75
C CYS B 242 -2.21 -0.99 -3.69
N CYS B 243 -2.98 -1.95 -4.17
CA CYS B 243 -4.08 -1.64 -5.06
C CYS B 243 -5.21 -0.93 -4.34
N ASP B 244 -6.05 -0.26 -5.09
CA ASP B 244 -7.21 0.38 -4.52
C ASP B 244 -8.20 -0.77 -4.51
N LEU B 245 -8.52 -1.27 -3.33
CA LEU B 245 -9.43 -2.40 -3.23
C LEU B 245 -10.71 -2.07 -2.49
N ALA B 246 -11.76 -2.82 -2.80
CA ALA B 246 -13.03 -2.64 -2.13
C ALA B 246 -12.76 -3.09 -0.69
N PRO B 247 -13.48 -2.53 0.30
CA PRO B 247 -13.21 -2.98 1.67
C PRO B 247 -13.25 -4.50 1.86
N GLU B 248 -14.29 -5.16 1.37
CA GLU B 248 -14.38 -6.59 1.53
C GLU B 248 -13.32 -7.33 0.73
N ALA B 249 -12.95 -6.77 -0.41
CA ALA B 249 -11.93 -7.40 -1.23
C ALA B 249 -10.63 -7.35 -0.44
N ARG B 250 -10.37 -6.20 0.18
CA ARG B 250 -9.16 -6.07 0.95
C ARG B 250 -9.13 -7.12 2.06
N GLN B 251 -10.25 -7.30 2.74
CA GLN B 251 -10.31 -8.27 3.82
C GLN B 251 -10.18 -9.70 3.31
N ALA B 252 -10.81 -9.96 2.17
CA ALA B 252 -10.78 -11.30 1.59
C ALA B 252 -9.34 -11.68 1.27
N ILE B 253 -8.60 -10.74 0.70
CA ILE B 253 -7.20 -10.99 0.36
C ILE B 253 -6.39 -11.24 1.63
N ARG B 254 -6.68 -10.49 2.70
CA ARG B 254 -6.00 -10.62 3.97
C ARG B 254 -6.20 -12.04 4.52
N SER B 255 -7.45 -12.44 4.68
CA SER B 255 -7.80 -13.76 5.19
C SER B 255 -7.26 -14.89 4.32
N LEU B 256 -7.60 -14.89 3.04
CA LEU B 256 -7.10 -15.94 2.15
C LEU B 256 -5.59 -16.11 2.32
N THR B 257 -4.89 -15.00 2.48
CA THR B 257 -3.44 -15.03 2.64
C THR B 257 -3.05 -15.87 3.85
N GLU B 258 -3.63 -15.56 5.00
CA GLU B 258 -3.32 -16.30 6.23
C GLU B 258 -3.92 -17.70 6.32
N ARG B 259 -5.15 -17.87 5.84
CA ARG B 259 -5.85 -19.15 5.92
C ARG B 259 -5.62 -20.12 4.78
N LEU B 260 -5.12 -19.63 3.66
CA LEU B 260 -4.92 -20.51 2.51
C LEU B 260 -3.56 -20.42 1.86
N TYR B 261 -3.22 -19.23 1.38
CA TYR B 261 -1.96 -19.05 0.69
C TYR B 261 -0.66 -19.39 1.43
N ILE B 262 -0.51 -19.04 2.70
CA ILE B 262 0.76 -19.38 3.36
C ILE B 262 0.87 -20.84 3.80
N GLY B 263 -0.22 -21.59 3.63
CA GLY B 263 -0.17 -22.98 4.02
C GLY B 263 -1.45 -23.44 4.66
N GLY B 264 -1.43 -24.64 5.22
CA GLY B 264 -2.63 -25.18 5.84
C GLY B 264 -2.65 -26.68 5.70
N PRO B 265 -3.69 -27.34 6.21
CA PRO B 265 -3.82 -28.80 6.14
C PRO B 265 -4.00 -29.37 4.73
N LEU B 266 -3.50 -30.59 4.55
CA LEU B 266 -3.58 -31.30 3.27
C LEU B 266 -4.42 -32.57 3.46
N THR B 267 -5.47 -32.73 2.64
CA THR B 267 -6.35 -33.88 2.74
C THR B 267 -6.36 -34.70 1.44
N ASN B 268 -6.25 -36.02 1.55
CA ASN B 268 -6.27 -36.87 0.35
C ASN B 268 -7.72 -37.08 -0.10
N SER B 269 -7.90 -37.60 -1.31
CA SER B 269 -9.23 -37.83 -1.83
C SER B 269 -10.11 -38.68 -0.90
N LYS B 270 -9.50 -39.37 0.06
CA LYS B 270 -10.26 -40.20 1.00
C LYS B 270 -10.81 -39.42 2.19
N GLY B 271 -10.42 -38.16 2.32
CA GLY B 271 -10.87 -37.35 3.43
C GLY B 271 -9.92 -37.51 4.61
N GLN B 272 -8.73 -38.04 4.33
CA GLN B 272 -7.73 -38.28 5.38
C GLN B 272 -6.62 -37.25 5.43
N ASN B 273 -6.27 -36.86 6.65
CA ASN B 273 -5.23 -35.88 6.87
C ASN B 273 -3.86 -36.42 6.45
N CYS B 274 -3.25 -35.78 5.47
CA CYS B 274 -1.95 -36.18 4.96
C CYS B 274 -0.81 -35.43 5.59
N GLY B 275 -1.07 -34.18 5.96
CA GLY B 275 -0.02 -33.37 6.54
C GLY B 275 -0.33 -31.90 6.48
N TYR B 276 0.71 -31.08 6.43
CA TYR B 276 0.54 -29.65 6.39
C TYR B 276 1.46 -29.07 5.33
N ARG B 277 1.07 -27.92 4.79
CA ARG B 277 1.85 -27.25 3.76
C ARG B 277 2.30 -25.89 4.29
N ARG B 278 3.49 -25.46 3.90
CA ARG B 278 4.00 -24.16 4.32
C ARG B 278 4.68 -23.46 3.15
N CYS B 279 4.22 -23.82 1.96
CA CYS B 279 4.73 -23.26 0.71
C CYS B 279 3.59 -23.04 -0.28
N ARG B 280 3.92 -22.66 -1.50
CA ARG B 280 2.93 -22.42 -2.53
C ARG B 280 2.03 -23.62 -2.83
N ALA B 281 0.72 -23.38 -2.89
CA ALA B 281 -0.23 -24.42 -3.27
C ALA B 281 -0.32 -24.22 -4.79
N SER B 282 -0.35 -25.30 -5.56
CA SER B 282 -0.38 -25.13 -7.01
C SER B 282 -1.75 -24.75 -7.54
N GLY B 283 -2.79 -25.11 -6.79
CA GLY B 283 -4.14 -24.85 -7.23
C GLY B 283 -4.94 -23.68 -6.67
N VAL B 284 -4.30 -22.56 -6.43
CA VAL B 284 -5.01 -21.38 -5.95
C VAL B 284 -4.92 -20.36 -7.07
N LEU B 285 -5.78 -19.36 -7.06
CA LEU B 285 -5.77 -18.36 -8.12
C LEU B 285 -4.51 -17.52 -8.19
N THR B 286 -3.80 -17.42 -7.08
CA THR B 286 -2.60 -16.59 -7.03
C THR B 286 -1.27 -17.25 -7.40
N THR B 287 -1.30 -18.53 -7.71
CA THR B 287 -0.06 -19.23 -8.04
C THR B 287 0.76 -18.63 -9.16
N SER B 288 0.13 -18.30 -10.27
CA SER B 288 0.87 -17.77 -11.39
C SER B 288 1.37 -16.34 -11.12
N CYS B 289 0.45 -15.47 -10.77
CA CYS B 289 0.78 -14.09 -10.48
C CYS B 289 1.83 -13.96 -9.38
N GLY B 290 1.66 -14.74 -8.31
CA GLY B 290 2.56 -14.71 -7.18
C GLY B 290 3.91 -15.30 -7.51
N ASN B 291 3.91 -16.42 -8.23
CA ASN B 291 5.16 -17.03 -8.61
C ASN B 291 5.92 -16.09 -9.52
N THR B 292 5.22 -15.49 -10.48
CA THR B 292 5.85 -14.55 -11.40
C THR B 292 6.45 -13.38 -10.64
N LEU B 293 5.67 -12.79 -9.75
CA LEU B 293 6.15 -11.64 -8.99
C LEU B 293 7.30 -12.07 -8.09
N THR B 294 7.12 -13.19 -7.40
CA THR B 294 8.14 -13.70 -6.49
C THR B 294 9.46 -14.02 -7.18
N CYS B 295 9.37 -14.59 -8.37
CA CYS B 295 10.56 -14.93 -9.14
C CYS B 295 11.25 -13.64 -9.56
N TYR B 296 10.48 -12.77 -10.20
CA TYR B 296 10.97 -11.48 -10.68
C TYR B 296 11.65 -10.69 -9.55
N LEU B 297 11.02 -10.62 -8.39
CA LEU B 297 11.60 -9.88 -7.29
C LEU B 297 12.98 -10.43 -6.93
N LYS B 298 13.04 -11.73 -6.67
CA LYS B 298 14.31 -12.35 -6.30
C LYS B 298 15.35 -12.22 -7.42
N ALA B 299 14.97 -12.58 -8.64
CA ALA B 299 15.89 -12.50 -9.77
C ALA B 299 16.44 -11.08 -9.97
N THR B 300 15.55 -10.09 -10.05
CA THR B 300 16.01 -8.71 -10.24
C THR B 300 16.99 -8.33 -9.14
N ALA B 301 16.64 -8.64 -7.89
CA ALA B 301 17.50 -8.30 -6.75
C ALA B 301 18.82 -9.03 -6.89
N ALA B 302 18.75 -10.31 -7.21
CA ALA B 302 19.94 -11.11 -7.39
C ALA B 302 20.87 -10.50 -8.44
N CYS B 303 20.31 -10.02 -9.54
CA CYS B 303 21.13 -9.42 -10.58
C CYS B 303 21.96 -8.27 -9.99
N ARG B 304 21.30 -7.42 -9.22
CA ARG B 304 22.01 -6.31 -8.60
C ARG B 304 23.10 -6.86 -7.69
N ALA B 305 22.82 -7.98 -7.03
CA ALA B 305 23.78 -8.59 -6.13
C ALA B 305 24.98 -9.13 -6.91
N ALA B 306 24.74 -9.57 -8.15
CA ALA B 306 25.80 -10.12 -8.99
C ALA B 306 26.44 -9.03 -9.85
N LYS B 307 25.78 -7.88 -9.95
CA LYS B 307 26.27 -6.76 -10.73
C LYS B 307 26.20 -6.96 -12.24
N LEU B 308 25.36 -7.89 -12.69
CA LEU B 308 25.20 -8.10 -14.12
C LEU B 308 24.76 -6.78 -14.75
N GLN B 309 25.40 -6.39 -15.85
CA GLN B 309 25.05 -5.12 -16.50
C GLN B 309 23.86 -5.23 -17.43
N ASP B 310 23.12 -4.13 -17.57
CA ASP B 310 21.95 -4.08 -18.43
C ASP B 310 21.24 -5.42 -18.54
N CYS B 311 20.49 -5.78 -17.50
CA CYS B 311 19.75 -7.05 -17.54
C CYS B 311 18.35 -6.84 -18.08
N THR B 312 17.84 -7.83 -18.79
CA THR B 312 16.48 -7.78 -19.32
C THR B 312 15.89 -9.14 -19.03
N MET B 313 14.87 -9.17 -18.17
CA MET B 313 14.26 -10.43 -17.81
C MET B 313 12.92 -10.69 -18.43
N LEU B 314 12.62 -11.97 -18.56
CA LEU B 314 11.36 -12.43 -19.08
C LEU B 314 10.99 -13.52 -18.08
N VAL B 315 9.91 -13.28 -17.34
CA VAL B 315 9.48 -14.22 -16.33
C VAL B 315 8.11 -14.78 -16.61
N ASN B 316 7.99 -16.09 -16.44
CA ASN B 316 6.73 -16.77 -16.64
C ASN B 316 6.57 -17.66 -15.43
N GLY B 317 5.86 -17.16 -14.42
CA GLY B 317 5.69 -17.94 -13.23
C GLY B 317 7.07 -18.15 -12.64
N ASP B 318 7.51 -19.39 -12.58
CA ASP B 318 8.81 -19.70 -12.01
C ASP B 318 9.85 -19.82 -13.12
N ASP B 319 9.41 -19.58 -14.34
CA ASP B 319 10.27 -19.67 -15.51
C ASP B 319 10.97 -18.34 -15.78
N LEU B 320 12.29 -18.37 -15.66
CA LEU B 320 13.11 -17.19 -15.83
C LEU B 320 14.22 -17.28 -16.88
N VAL B 321 14.42 -16.18 -17.60
CA VAL B 321 15.47 -16.08 -18.60
C VAL B 321 15.97 -14.65 -18.66
N VAL B 322 17.26 -14.48 -18.38
CA VAL B 322 17.90 -13.17 -18.37
C VAL B 322 18.81 -12.95 -19.59
N ILE B 323 18.82 -11.74 -20.11
CA ILE B 323 19.68 -11.38 -21.23
C ILE B 323 20.37 -10.09 -20.81
N CYS B 324 21.69 -10.13 -20.75
CA CYS B 324 22.42 -8.95 -20.31
C CYS B 324 23.66 -8.61 -21.10
N GLU B 325 24.27 -7.50 -20.71
CA GLU B 325 25.48 -7.01 -21.34
C GLU B 325 26.65 -7.82 -20.82
N SER B 326 27.28 -8.60 -21.71
CA SER B 326 28.41 -9.42 -21.28
C SER B 326 29.58 -8.59 -20.81
N ALA B 327 30.39 -9.18 -19.93
CA ALA B 327 31.54 -8.49 -19.40
C ALA B 327 32.81 -9.32 -19.62
N GLY B 328 32.69 -10.36 -20.43
CA GLY B 328 33.85 -11.19 -20.70
C GLY B 328 33.68 -12.57 -20.12
N THR B 329 33.62 -13.57 -21.00
CA THR B 329 33.46 -15.00 -20.64
C THR B 329 33.70 -15.27 -19.16
N GLN B 330 34.91 -14.95 -18.73
CA GLN B 330 35.35 -15.12 -17.36
C GLN B 330 34.41 -14.54 -16.31
N GLU B 331 34.25 -13.22 -16.39
CA GLU B 331 33.41 -12.49 -15.45
C GLU B 331 31.97 -12.99 -15.43
N ASP B 332 31.44 -13.34 -16.59
CA ASP B 332 30.09 -13.84 -16.67
C ASP B 332 29.95 -15.06 -15.78
N ALA B 333 30.85 -16.01 -15.96
CA ALA B 333 30.83 -17.24 -15.17
C ALA B 333 30.81 -16.91 -13.68
N ALA B 334 31.60 -15.90 -13.30
CA ALA B 334 31.67 -15.49 -11.91
C ALA B 334 30.39 -14.82 -11.49
N ALA B 335 29.91 -13.88 -12.31
CA ALA B 335 28.69 -13.16 -12.02
C ALA B 335 27.51 -14.12 -11.91
N LEU B 336 27.42 -15.07 -12.84
CA LEU B 336 26.35 -16.03 -12.81
C LEU B 336 26.42 -16.85 -11.52
N ARG B 337 27.62 -17.00 -10.99
CA ARG B 337 27.79 -17.72 -9.75
C ARG B 337 27.25 -16.85 -8.62
N ALA B 338 27.49 -15.54 -8.74
CA ALA B 338 27.01 -14.60 -7.75
C ALA B 338 25.49 -14.64 -7.76
N PHE B 339 24.92 -14.51 -8.95
CA PHE B 339 23.48 -14.54 -9.12
C PHE B 339 22.84 -15.74 -8.42
N THR B 340 23.50 -16.89 -8.53
CA THR B 340 22.97 -18.11 -7.96
C THR B 340 22.99 -18.14 -6.43
N GLU B 341 24.01 -17.52 -5.84
CA GLU B 341 24.11 -17.47 -4.38
C GLU B 341 23.02 -16.58 -3.83
N ALA B 342 22.84 -15.43 -4.47
CA ALA B 342 21.83 -14.48 -4.04
C ALA B 342 20.47 -15.17 -4.11
N MET B 343 20.16 -15.75 -5.27
CA MET B 343 18.90 -16.46 -5.45
C MET B 343 18.77 -17.53 -4.37
N THR B 344 19.88 -18.17 -4.03
CA THR B 344 19.85 -19.20 -3.01
C THR B 344 19.58 -18.60 -1.63
N ARG B 345 20.08 -17.40 -1.42
CA ARG B 345 19.86 -16.72 -0.16
C ARG B 345 18.38 -16.36 -0.06
N TYR B 346 17.81 -15.99 -1.21
CA TYR B 346 16.41 -15.59 -1.29
C TYR B 346 15.46 -16.78 -1.27
N SER B 347 16.00 -17.96 -0.96
CA SER B 347 15.20 -19.18 -0.89
C SER B 347 14.74 -19.66 -2.26
N ALA B 348 15.69 -19.81 -3.18
CA ALA B 348 15.38 -20.29 -4.52
C ALA B 348 16.62 -20.88 -5.16
N PRO B 349 17.12 -21.99 -4.60
CA PRO B 349 18.31 -22.64 -5.15
C PRO B 349 17.98 -23.23 -6.52
N PRO B 350 19.01 -23.47 -7.34
CA PRO B 350 18.86 -24.02 -8.68
C PRO B 350 18.73 -25.54 -8.83
N GLY B 351 18.05 -25.94 -9.89
CA GLY B 351 17.89 -27.36 -10.18
C GLY B 351 19.21 -27.71 -10.80
N ASP B 352 19.38 -27.37 -12.07
CA ASP B 352 20.64 -27.60 -12.76
C ASP B 352 21.31 -26.23 -12.75
N PRO B 353 22.61 -26.18 -12.45
CA PRO B 353 23.29 -24.88 -12.42
C PRO B 353 23.13 -24.14 -13.75
N PRO B 354 22.90 -22.82 -13.68
CA PRO B 354 22.73 -22.02 -14.89
C PRO B 354 24.06 -21.84 -15.62
N GLN B 355 24.00 -21.89 -16.94
CA GLN B 355 25.18 -21.73 -17.76
C GLN B 355 25.02 -20.57 -18.74
N PRO B 356 25.99 -19.65 -18.78
CA PRO B 356 25.88 -18.52 -19.71
C PRO B 356 25.90 -18.99 -21.16
N GLU B 357 25.19 -18.25 -22.01
CA GLU B 357 25.13 -18.56 -23.43
C GLU B 357 25.44 -17.29 -24.21
N TYR B 358 25.89 -17.45 -25.44
CA TYR B 358 26.21 -16.30 -26.28
C TYR B 358 25.58 -16.48 -27.65
N ASP B 359 24.68 -17.46 -27.71
CA ASP B 359 23.91 -17.82 -28.89
C ASP B 359 22.49 -17.84 -28.34
N LEU B 360 21.59 -17.09 -28.96
CA LEU B 360 20.21 -17.04 -28.48
C LEU B 360 19.47 -18.37 -28.64
N GLU B 361 19.81 -19.12 -29.70
CA GLU B 361 19.17 -20.41 -29.95
C GLU B 361 19.60 -21.43 -28.89
N LEU B 362 20.70 -21.13 -28.21
CA LEU B 362 21.26 -22.00 -27.17
C LEU B 362 20.68 -21.74 -25.80
N ILE B 363 19.42 -21.36 -25.76
CA ILE B 363 18.76 -21.10 -24.49
C ILE B 363 17.38 -21.75 -24.53
N THR B 364 17.04 -22.44 -23.45
CA THR B 364 15.74 -23.08 -23.37
C THR B 364 14.93 -22.52 -22.19
N SER B 365 13.90 -21.77 -22.53
CA SER B 365 13.02 -21.15 -21.57
C SER B 365 11.60 -21.61 -21.85
N CYS B 366 10.88 -21.97 -20.78
CA CYS B 366 9.51 -22.44 -20.90
C CYS B 366 9.48 -23.65 -21.82
N SER B 367 10.49 -24.50 -21.68
CA SER B 367 10.59 -25.71 -22.50
C SER B 367 10.68 -25.30 -23.98
N SER B 368 11.30 -24.14 -24.23
CA SER B 368 11.43 -23.63 -25.60
C SER B 368 12.78 -22.99 -25.84
N ASN B 369 13.19 -23.02 -27.11
CA ASN B 369 14.43 -22.41 -27.53
C ASN B 369 14.10 -21.70 -28.82
N VAL B 370 14.88 -20.70 -29.17
CA VAL B 370 14.65 -19.98 -30.42
C VAL B 370 15.42 -20.69 -31.51
N SER B 371 14.89 -20.66 -32.73
CA SER B 371 15.54 -21.28 -33.87
C SER B 371 15.12 -20.48 -35.09
N VAL B 372 15.84 -20.64 -36.19
CA VAL B 372 15.52 -19.91 -37.40
C VAL B 372 14.97 -20.84 -38.47
N ALA B 373 14.53 -20.23 -39.58
CA ALA B 373 13.99 -20.94 -40.73
C ALA B 373 13.90 -19.88 -41.81
N HIS B 374 13.26 -20.18 -42.94
CA HIS B 374 13.15 -19.20 -44.01
C HIS B 374 11.78 -19.15 -44.65
N ASP B 375 11.32 -17.94 -44.99
CA ASP B 375 10.02 -17.77 -45.62
C ASP B 375 10.24 -17.85 -47.13
N ALA B 376 9.15 -17.76 -47.91
CA ALA B 376 9.27 -17.85 -49.35
C ALA B 376 10.44 -17.00 -49.83
N SER B 377 10.21 -15.70 -49.92
CA SER B 377 11.25 -14.76 -50.34
C SER B 377 12.59 -15.33 -49.94
N GLY B 378 12.72 -15.63 -48.64
CA GLY B 378 13.96 -16.18 -48.14
C GLY B 378 14.59 -15.45 -46.97
N LYS B 379 13.84 -14.64 -46.24
CA LYS B 379 14.42 -13.96 -45.10
C LYS B 379 14.35 -14.87 -43.87
N ARG B 380 15.35 -14.74 -43.00
CA ARG B 380 15.39 -15.55 -41.79
C ARG B 380 14.13 -15.29 -40.98
N VAL B 381 13.54 -16.35 -40.46
CA VAL B 381 12.34 -16.20 -39.64
C VAL B 381 12.61 -16.89 -38.31
N TYR B 382 12.60 -16.09 -37.25
CA TYR B 382 12.82 -16.61 -35.93
C TYR B 382 11.47 -17.09 -35.44
N TYR B 383 11.46 -18.25 -34.81
CA TYR B 383 10.23 -18.82 -34.30
C TYR B 383 10.59 -19.61 -33.05
N LEU B 384 9.59 -19.89 -32.23
CA LEU B 384 9.82 -20.61 -30.99
C LEU B 384 9.54 -22.09 -31.16
N THR B 385 10.44 -22.95 -30.69
CA THR B 385 10.30 -24.40 -30.81
C THR B 385 10.76 -25.14 -29.56
N ARG B 386 10.79 -26.47 -29.62
CA ARG B 386 11.22 -27.31 -28.51
C ARG B 386 11.36 -28.79 -28.87
N ASP B 387 11.96 -29.56 -27.98
CA ASP B 387 12.11 -30.99 -28.23
C ASP B 387 10.68 -31.52 -28.21
N PRO B 388 10.19 -31.98 -29.37
CA PRO B 388 8.85 -32.52 -29.58
C PRO B 388 8.44 -33.77 -28.81
N THR B 389 9.39 -34.43 -28.16
CA THR B 389 9.07 -35.66 -27.44
C THR B 389 7.83 -35.57 -26.54
N THR B 390 7.94 -34.88 -25.41
CA THR B 390 6.80 -34.79 -24.50
C THR B 390 5.51 -34.44 -25.26
N PRO B 391 5.56 -33.44 -26.13
CA PRO B 391 4.34 -33.10 -26.86
C PRO B 391 3.74 -34.32 -27.58
N LEU B 392 4.46 -34.83 -28.57
CA LEU B 392 4.01 -35.98 -29.36
C LEU B 392 3.55 -37.18 -28.55
N ALA B 393 4.25 -37.45 -27.45
CA ALA B 393 3.89 -38.56 -26.57
C ALA B 393 2.47 -38.41 -26.04
N ARG B 394 2.16 -37.23 -25.51
CA ARG B 394 0.83 -36.97 -24.96
C ARG B 394 -0.20 -37.00 -26.08
N ALA B 395 0.16 -36.43 -27.23
CA ALA B 395 -0.74 -36.38 -28.37
C ALA B 395 -1.23 -37.79 -28.67
N ALA B 396 -0.32 -38.75 -28.61
CA ALA B 396 -0.65 -40.15 -28.87
C ALA B 396 -1.58 -40.71 -27.80
N TRP B 397 -1.30 -40.36 -26.55
CA TRP B 397 -2.08 -40.81 -25.43
C TRP B 397 -3.57 -40.48 -25.53
N GLU B 398 -3.86 -39.27 -25.97
CA GLU B 398 -5.23 -38.78 -26.11
C GLU B 398 -5.96 -39.43 -27.27
N THR B 399 -5.19 -40.00 -28.19
CA THR B 399 -5.77 -40.66 -29.35
C THR B 399 -6.23 -42.05 -28.95
N ALA B 400 -5.40 -42.73 -28.17
CA ALA B 400 -5.70 -44.08 -27.72
C ALA B 400 -6.67 -44.13 -26.54
N ARG B 401 -6.66 -43.10 -25.69
CA ARG B 401 -7.60 -43.07 -24.56
C ARG B 401 -8.70 -42.03 -24.72
N HIS B 402 -9.34 -41.62 -23.63
CA HIS B 402 -10.47 -40.69 -23.77
C HIS B 402 -10.39 -39.17 -23.73
N THR B 403 -11.56 -38.60 -23.99
CA THR B 403 -11.88 -37.18 -23.93
C THR B 403 -10.66 -36.23 -23.77
N PRO B 404 -10.60 -35.33 -22.74
CA PRO B 404 -9.39 -34.49 -22.73
C PRO B 404 -8.52 -34.48 -23.97
N ILE B 405 -9.00 -33.64 -24.87
CA ILE B 405 -8.49 -33.34 -26.19
C ILE B 405 -7.46 -32.20 -26.10
N ASN B 406 -6.88 -32.05 -24.92
CA ASN B 406 -5.89 -31.03 -24.65
C ASN B 406 -4.63 -31.18 -25.51
N SER B 407 -3.51 -30.80 -24.90
CA SER B 407 -2.18 -30.84 -25.50
C SER B 407 -2.04 -30.67 -27.01
N TRP B 408 -2.10 -31.77 -27.76
CA TRP B 408 -1.93 -31.70 -29.22
C TRP B 408 -2.53 -30.44 -29.83
N LEU B 409 -3.79 -30.17 -29.53
CA LEU B 409 -4.45 -28.98 -30.08
C LEU B 409 -3.61 -27.76 -29.68
N GLY B 410 -3.43 -27.60 -28.38
CA GLY B 410 -2.66 -26.48 -27.87
C GLY B 410 -1.28 -26.38 -28.53
N ASN B 411 -0.59 -27.52 -28.60
CA ASN B 411 0.74 -27.55 -29.21
C ASN B 411 0.73 -27.03 -30.62
N ILE B 412 -0.30 -27.40 -31.38
CA ILE B 412 -0.41 -26.93 -32.76
C ILE B 412 -0.50 -25.41 -32.74
N ILE B 413 -1.55 -24.92 -32.09
CA ILE B 413 -1.79 -23.49 -32.00
C ILE B 413 -0.54 -22.76 -31.50
N MET B 414 0.08 -23.25 -30.44
CA MET B 414 1.27 -22.60 -29.90
C MET B 414 2.57 -22.79 -30.70
N TYR B 415 2.72 -23.96 -31.32
CA TYR B 415 3.94 -24.25 -32.09
C TYR B 415 3.76 -24.36 -33.60
N ALA B 416 2.63 -23.86 -34.08
CA ALA B 416 2.30 -23.90 -35.50
C ALA B 416 3.48 -23.74 -36.46
N PRO B 417 4.45 -22.86 -36.14
CA PRO B 417 5.61 -22.67 -36.99
C PRO B 417 6.64 -23.79 -37.03
N THR B 418 6.63 -24.66 -36.03
CA THR B 418 7.61 -25.76 -35.98
C THR B 418 7.38 -26.87 -36.97
N LEU B 419 8.47 -27.57 -37.29
CA LEU B 419 8.48 -28.69 -38.22
C LEU B 419 7.50 -29.78 -37.78
N TRP B 420 7.74 -30.34 -36.60
CA TRP B 420 6.90 -31.41 -36.06
C TRP B 420 5.40 -31.11 -35.97
N ALA B 421 5.07 -29.90 -35.51
CA ALA B 421 3.67 -29.53 -35.37
C ALA B 421 2.99 -29.55 -36.73
N ARG B 422 3.72 -29.11 -37.75
CA ARG B 422 3.19 -29.07 -39.11
C ARG B 422 3.15 -30.43 -39.81
N MET B 423 4.32 -31.03 -39.97
CA MET B 423 4.44 -32.31 -40.64
C MET B 423 3.79 -33.48 -39.90
N ILE B 424 3.95 -33.51 -38.59
CA ILE B 424 3.41 -34.60 -37.79
C ILE B 424 2.00 -34.39 -37.23
N LEU B 425 1.90 -33.58 -36.18
CA LEU B 425 0.62 -33.31 -35.55
C LEU B 425 -0.50 -33.01 -36.53
N MET B 426 -0.33 -31.99 -37.36
CA MET B 426 -1.36 -31.62 -38.33
C MET B 426 -1.75 -32.77 -39.25
N THR B 427 -0.76 -33.37 -39.89
CA THR B 427 -1.03 -34.48 -40.79
C THR B 427 -1.85 -35.54 -40.07
N HIS B 428 -1.29 -36.07 -38.99
CA HIS B 428 -1.95 -37.11 -38.21
C HIS B 428 -3.37 -36.80 -37.77
N PHE B 429 -3.50 -35.90 -36.80
CA PHE B 429 -4.81 -35.54 -36.28
C PHE B 429 -5.85 -35.13 -37.31
N PHE B 430 -5.45 -34.40 -38.34
CA PHE B 430 -6.43 -34.03 -39.36
C PHE B 430 -6.96 -35.29 -40.02
N SER B 431 -6.11 -36.30 -40.16
CA SER B 431 -6.54 -37.55 -40.77
C SER B 431 -7.59 -38.19 -39.88
N ILE B 432 -7.30 -38.30 -38.58
CA ILE B 432 -8.26 -38.90 -37.66
C ILE B 432 -9.50 -38.00 -37.55
N LEU B 433 -9.41 -36.79 -38.12
CA LEU B 433 -10.54 -35.86 -38.08
C LEU B 433 -11.62 -36.24 -39.08
N LEU B 434 -11.45 -35.84 -40.34
CA LEU B 434 -12.42 -36.16 -41.37
C LEU B 434 -12.71 -37.66 -41.34
N ALA B 435 -11.83 -38.41 -40.69
CA ALA B 435 -11.98 -39.85 -40.55
C ALA B 435 -13.13 -40.13 -39.60
N GLN B 436 -13.77 -39.06 -39.14
CA GLN B 436 -14.90 -39.16 -38.23
C GLN B 436 -15.77 -37.92 -38.38
N GLU B 437 -15.37 -37.06 -39.32
CA GLU B 437 -16.08 -35.82 -39.63
C GLU B 437 -16.09 -34.80 -38.49
N GLN B 438 -15.14 -34.94 -37.57
CA GLN B 438 -15.05 -34.04 -36.42
C GLN B 438 -14.42 -32.69 -36.74
N LEU B 439 -14.27 -32.39 -38.03
CA LEU B 439 -13.69 -31.12 -38.44
C LEU B 439 -14.51 -29.98 -37.83
N GLU B 440 -15.61 -30.36 -37.19
CA GLU B 440 -16.52 -29.42 -36.55
C GLU B 440 -16.25 -29.27 -35.06
N LYS B 441 -16.65 -30.28 -34.30
CA LYS B 441 -16.49 -30.29 -32.85
C LYS B 441 -15.38 -29.41 -32.32
N ALA B 442 -15.75 -28.34 -31.62
CA ALA B 442 -14.81 -27.41 -31.01
C ALA B 442 -14.37 -28.08 -29.72
N LEU B 443 -13.06 -28.09 -29.46
CA LEU B 443 -12.55 -28.73 -28.25
C LEU B 443 -11.71 -27.85 -27.35
N ASP B 444 -11.70 -28.18 -26.07
CA ASP B 444 -10.96 -27.43 -25.05
C ASP B 444 -9.45 -27.66 -25.15
N CYS B 445 -8.69 -26.66 -24.74
CA CYS B 445 -7.23 -26.73 -24.75
C CYS B 445 -6.68 -25.64 -23.82
N GLN B 446 -5.54 -25.91 -23.20
CA GLN B 446 -4.96 -24.95 -22.27
C GLN B 446 -4.01 -23.97 -22.93
N ILE B 447 -3.96 -22.76 -22.38
CA ILE B 447 -3.06 -21.71 -22.88
C ILE B 447 -2.65 -20.85 -21.69
N TYR B 448 -1.55 -21.24 -21.06
CA TYR B 448 -1.02 -20.55 -19.89
C TYR B 448 -2.03 -20.69 -18.77
N GLY B 449 -2.50 -21.92 -18.57
CA GLY B 449 -3.48 -22.18 -17.53
C GLY B 449 -4.90 -21.83 -17.92
N ALA B 450 -5.04 -20.83 -18.78
CA ALA B 450 -6.36 -20.40 -19.23
C ALA B 450 -6.97 -21.43 -20.17
N CYS B 451 -8.11 -22.00 -19.76
CA CYS B 451 -8.80 -22.97 -20.59
C CYS B 451 -9.72 -22.30 -21.58
N TYR B 452 -9.64 -22.73 -22.84
CA TYR B 452 -10.47 -22.18 -23.91
C TYR B 452 -11.32 -23.28 -24.55
N SER B 453 -11.36 -23.30 -25.87
CA SER B 453 -12.12 -24.28 -26.65
C SER B 453 -12.23 -23.76 -28.08
N ILE B 454 -11.47 -24.36 -28.99
CA ILE B 454 -11.45 -23.91 -30.37
C ILE B 454 -11.95 -24.94 -31.39
N GLU B 455 -12.15 -24.49 -32.62
CA GLU B 455 -12.60 -25.32 -33.72
C GLU B 455 -11.39 -25.60 -34.61
N PRO B 456 -11.30 -26.81 -35.17
CA PRO B 456 -10.17 -27.14 -36.03
C PRO B 456 -10.06 -26.18 -37.22
N LEU B 457 -11.20 -25.96 -37.87
CA LEU B 457 -11.28 -25.09 -39.03
C LEU B 457 -10.68 -23.71 -38.83
N ASP B 458 -10.70 -23.23 -37.60
CA ASP B 458 -10.17 -21.89 -37.32
C ASP B 458 -8.64 -21.77 -37.32
N LEU B 459 -7.94 -22.87 -37.09
CA LEU B 459 -6.48 -22.87 -37.04
C LEU B 459 -5.78 -22.00 -38.07
N PRO B 460 -6.07 -22.19 -39.36
CA PRO B 460 -5.42 -21.39 -40.41
C PRO B 460 -5.36 -19.89 -40.11
N GLN B 461 -6.50 -19.31 -39.71
CA GLN B 461 -6.57 -17.89 -39.42
C GLN B 461 -5.80 -17.53 -38.15
N ILE B 462 -6.16 -18.20 -37.06
CA ILE B 462 -5.54 -17.99 -35.75
C ILE B 462 -4.01 -17.98 -35.82
N ILE B 463 -3.46 -19.01 -36.45
CA ILE B 463 -2.02 -19.15 -36.59
C ILE B 463 -1.41 -17.91 -37.24
N GLU B 464 -2.16 -17.26 -38.14
CA GLU B 464 -1.65 -16.09 -38.81
C GLU B 464 -1.60 -14.86 -37.92
N ARG B 465 -2.61 -14.67 -37.07
CA ARG B 465 -2.58 -13.51 -36.20
C ARG B 465 -1.57 -13.72 -35.09
N LEU B 466 -1.37 -14.98 -34.70
CA LEU B 466 -0.41 -15.33 -33.65
C LEU B 466 1.02 -15.39 -34.14
N HIS B 467 1.30 -16.39 -34.97
CA HIS B 467 2.63 -16.62 -35.53
C HIS B 467 2.88 -15.77 -36.77
N GLY B 468 1.80 -15.28 -37.35
CA GLY B 468 1.89 -14.41 -38.50
C GLY B 468 2.49 -14.88 -39.82
N LEU B 469 1.67 -14.82 -40.86
CA LEU B 469 2.06 -15.16 -42.22
C LEU B 469 2.98 -16.39 -42.42
N SER B 470 4.28 -16.17 -42.30
CA SER B 470 5.31 -17.20 -42.49
C SER B 470 5.14 -18.57 -41.84
N ALA B 471 4.22 -18.71 -40.90
CA ALA B 471 4.03 -20.00 -40.25
C ALA B 471 3.47 -21.05 -41.22
N PHE B 472 3.43 -20.70 -42.50
CA PHE B 472 2.92 -21.60 -43.53
C PHE B 472 3.94 -21.78 -44.65
N THR B 473 4.89 -20.85 -44.73
CA THR B 473 5.90 -20.88 -45.76
C THR B 473 7.31 -21.03 -45.21
N LEU B 474 7.45 -21.75 -44.09
CA LEU B 474 8.78 -21.91 -43.53
C LEU B 474 9.48 -23.13 -44.10
N HIS B 475 10.74 -22.95 -44.45
CA HIS B 475 11.56 -24.02 -45.00
C HIS B 475 13.00 -23.77 -44.60
N SER B 476 13.87 -24.71 -44.95
CA SER B 476 15.29 -24.60 -44.63
C SER B 476 15.50 -24.58 -43.13
N TYR B 477 14.77 -25.45 -42.43
CA TYR B 477 14.87 -25.53 -40.97
C TYR B 477 16.30 -25.84 -40.55
N SER B 478 16.67 -25.37 -39.37
CA SER B 478 18.01 -25.61 -38.83
C SER B 478 18.41 -27.08 -38.90
N PRO B 479 19.72 -27.34 -39.07
CA PRO B 479 20.18 -28.74 -39.12
C PRO B 479 19.91 -29.37 -37.77
N GLY B 480 20.43 -28.73 -36.71
CA GLY B 480 20.23 -29.24 -35.37
C GLY B 480 18.77 -29.50 -35.07
N GLU B 481 17.91 -28.56 -35.50
CA GLU B 481 16.48 -28.67 -35.29
C GLU B 481 15.92 -29.87 -36.04
N ILE B 482 16.21 -29.94 -37.34
CA ILE B 482 15.74 -31.05 -38.19
C ILE B 482 16.18 -32.36 -37.58
N ASN B 483 17.36 -32.37 -36.98
CA ASN B 483 17.91 -33.55 -36.36
C ASN B 483 17.16 -33.98 -35.11
N ARG B 484 17.00 -33.05 -34.17
CA ARG B 484 16.29 -33.37 -32.95
C ARG B 484 14.93 -33.99 -33.23
N VAL B 485 14.30 -33.56 -34.32
CA VAL B 485 12.99 -34.08 -34.70
C VAL B 485 13.11 -35.53 -35.15
N ALA B 486 13.93 -35.75 -36.18
CA ALA B 486 14.16 -37.09 -36.73
C ALA B 486 14.51 -38.12 -35.64
N SER B 487 15.50 -37.79 -34.81
CA SER B 487 15.91 -38.70 -33.77
C SER B 487 14.75 -39.02 -32.82
N CYS B 488 13.91 -38.03 -32.53
CA CYS B 488 12.77 -38.23 -31.64
C CYS B 488 11.78 -39.19 -32.29
N LEU B 489 11.47 -38.95 -33.57
CA LEU B 489 10.56 -39.82 -34.30
C LEU B 489 11.10 -41.23 -34.23
N ARG B 490 12.42 -41.36 -34.28
CA ARG B 490 13.06 -42.66 -34.19
C ARG B 490 12.83 -43.23 -32.79
N LYS B 491 13.07 -42.43 -31.76
CA LYS B 491 12.89 -42.89 -30.38
C LYS B 491 11.48 -43.35 -30.08
N LEU B 492 10.48 -42.54 -30.46
CA LEU B 492 9.09 -42.89 -30.21
C LEU B 492 8.55 -43.90 -31.20
N GLY B 493 9.31 -44.14 -32.28
CA GLY B 493 8.86 -45.09 -33.27
C GLY B 493 7.72 -44.52 -34.10
N VAL B 494 8.01 -43.50 -34.89
CA VAL B 494 7.03 -42.86 -35.73
C VAL B 494 7.61 -42.70 -37.13
N PRO B 495 6.82 -42.99 -38.17
CA PRO B 495 7.29 -42.86 -39.56
C PRO B 495 8.11 -41.58 -39.76
N PRO B 496 9.30 -41.68 -40.40
CA PRO B 496 10.13 -40.50 -40.61
C PRO B 496 9.34 -39.41 -41.33
N LEU B 497 9.83 -38.18 -41.22
CA LEU B 497 9.17 -37.04 -41.83
C LEU B 497 8.62 -37.35 -43.21
N ARG B 498 9.31 -38.24 -43.93
CA ARG B 498 8.89 -38.65 -45.28
C ARG B 498 7.50 -39.26 -45.33
N THR B 499 7.29 -40.35 -44.59
CA THR B 499 5.99 -41.01 -44.58
C THR B 499 4.88 -40.00 -44.32
N TRP B 500 5.21 -38.98 -43.52
CA TRP B 500 4.23 -37.94 -43.20
C TRP B 500 4.03 -37.05 -44.42
N ARG B 501 5.11 -36.80 -45.15
CA ARG B 501 5.04 -35.97 -46.35
C ARG B 501 4.10 -36.61 -47.38
N HIS B 502 4.04 -37.93 -47.37
CA HIS B 502 3.16 -38.64 -48.29
C HIS B 502 1.73 -38.49 -47.77
N ARG B 503 1.55 -38.83 -46.49
CA ARG B 503 0.24 -38.75 -45.83
C ARG B 503 -0.31 -37.32 -45.85
N ALA B 504 0.60 -36.36 -45.78
CA ALA B 504 0.25 -34.95 -45.79
C ALA B 504 -0.46 -34.60 -47.08
N ARG B 505 -0.01 -35.21 -48.18
CA ARG B 505 -0.63 -34.93 -49.47
C ARG B 505 -2.04 -35.50 -49.54
N SER B 506 -2.22 -36.72 -49.02
CA SER B 506 -3.53 -37.37 -49.02
C SER B 506 -4.53 -36.54 -48.20
N VAL B 507 -4.10 -36.13 -47.01
CA VAL B 507 -4.93 -35.33 -46.14
C VAL B 507 -5.43 -34.11 -46.91
N ARG B 508 -4.47 -33.32 -47.40
CA ARG B 508 -4.77 -32.11 -48.16
C ARG B 508 -5.90 -32.32 -49.17
N ALA B 509 -5.74 -33.34 -50.00
CA ALA B 509 -6.73 -33.66 -51.03
C ALA B 509 -8.11 -33.95 -50.46
N LYS B 510 -8.18 -34.91 -49.55
CA LYS B 510 -9.45 -35.28 -48.94
C LYS B 510 -10.21 -34.06 -48.43
N LEU B 511 -9.46 -33.06 -47.98
CA LEU B 511 -10.05 -31.81 -47.46
C LEU B 511 -10.25 -30.78 -48.56
N LEU B 512 -9.31 -30.73 -49.50
CA LEU B 512 -9.35 -29.78 -50.61
C LEU B 512 -10.58 -30.06 -51.48
N SER B 513 -11.24 -31.19 -51.19
CA SER B 513 -12.43 -31.65 -51.89
C SER B 513 -13.67 -31.36 -51.04
N GLN B 514 -13.60 -30.28 -50.26
CA GLN B 514 -14.71 -29.93 -49.38
C GLN B 514 -14.73 -28.49 -48.81
N GLY B 515 -14.71 -28.36 -47.48
CA GLY B 515 -14.78 -27.07 -46.82
C GLY B 515 -15.09 -25.78 -47.57
N GLY B 516 -14.11 -24.92 -47.47
CA GLY B 516 -14.09 -23.59 -48.03
C GLY B 516 -13.05 -23.33 -46.97
N ARG B 517 -13.49 -23.72 -45.78
CA ARG B 517 -12.68 -23.68 -44.57
C ARG B 517 -11.80 -24.91 -44.64
N ALA B 518 -12.40 -26.10 -44.56
CA ALA B 518 -11.60 -27.33 -44.62
C ALA B 518 -10.59 -27.27 -45.75
N ALA B 519 -10.92 -26.62 -46.88
CA ALA B 519 -9.93 -26.52 -47.95
C ALA B 519 -8.81 -25.59 -47.47
N THR B 520 -9.19 -24.44 -46.92
CA THR B 520 -8.26 -23.44 -46.38
C THR B 520 -7.26 -24.17 -45.49
N CYS B 521 -7.78 -25.05 -44.65
CA CYS B 521 -6.97 -25.86 -43.75
C CYS B 521 -5.90 -26.58 -44.58
N GLY B 522 -6.35 -27.21 -45.66
CA GLY B 522 -5.43 -27.93 -46.54
C GLY B 522 -4.55 -27.04 -47.37
N ARG B 523 -5.10 -25.93 -47.84
CA ARG B 523 -4.33 -24.98 -48.66
C ARG B 523 -3.12 -24.39 -47.94
N TYR B 524 -3.37 -23.72 -46.81
CA TYR B 524 -2.33 -23.09 -46.01
C TYR B 524 -1.37 -23.99 -45.25
N LEU B 525 -1.95 -24.80 -44.38
CA LEU B 525 -1.17 -25.70 -43.56
C LEU B 525 -0.24 -26.64 -44.36
N PHE B 526 -0.80 -27.39 -45.30
CA PHE B 526 -0.02 -28.35 -46.05
C PHE B 526 0.61 -27.89 -47.39
N ASN B 527 1.14 -26.67 -47.47
CA ASN B 527 1.75 -26.28 -48.74
C ASN B 527 3.20 -26.74 -48.73
N TRP B 528 3.58 -27.44 -47.66
CA TRP B 528 4.94 -27.95 -47.51
C TRP B 528 5.05 -29.35 -48.11
N ALA B 529 3.90 -29.92 -48.41
CA ALA B 529 3.82 -31.26 -48.97
C ALA B 529 3.82 -31.27 -50.52
N VAL B 530 4.01 -30.11 -51.14
CA VAL B 530 4.04 -30.02 -52.61
C VAL B 530 4.99 -28.98 -53.22
N ARG B 531 5.68 -29.38 -54.30
CA ARG B 531 6.57 -28.49 -55.04
C ARG B 531 5.69 -27.82 -56.08
N THR B 532 4.39 -27.78 -55.78
CA THR B 532 3.37 -27.16 -56.64
C THR B 532 3.25 -25.74 -56.12
N LYS B 533 2.78 -25.67 -54.87
CA LYS B 533 2.54 -24.43 -54.14
C LYS B 533 1.12 -23.92 -54.31
N LEU B 534 0.98 -22.66 -53.93
CA LEU B 534 -0.21 -21.84 -53.99
C LEU B 534 0.26 -20.72 -53.10
N LYS B 535 0.74 -19.66 -53.73
CA LYS B 535 1.19 -18.52 -52.96
C LYS B 535 -0.02 -18.09 -52.13
N LEU B 536 0.22 -17.94 -50.83
CA LEU B 536 -0.80 -17.62 -49.86
C LEU B 536 -1.03 -16.12 -49.68
N THR B 537 -2.29 -15.75 -49.54
CA THR B 537 -2.65 -14.35 -49.33
C THR B 537 -3.28 -14.14 -47.97
N PRO B 538 -2.71 -13.23 -47.17
CA PRO B 538 -3.25 -12.96 -45.83
C PRO B 538 -4.79 -13.12 -45.80
N ILE B 539 -5.26 -14.29 -45.39
CA ILE B 539 -6.69 -14.61 -45.25
C ILE B 539 -7.44 -13.61 -44.35
N PRO B 540 -8.79 -13.62 -44.39
CA PRO B 540 -9.69 -12.74 -43.60
C PRO B 540 -9.38 -12.73 -42.10
N ALA B 541 -10.05 -13.55 -41.28
CA ALA B 541 -9.80 -13.56 -39.83
C ALA B 541 -8.30 -13.41 -39.45
N ALA B 542 -7.94 -12.22 -38.96
CA ALA B 542 -6.57 -11.91 -38.53
C ALA B 542 -6.70 -10.44 -38.22
N SER B 543 -7.55 -9.81 -39.04
CA SER B 543 -7.93 -8.43 -38.91
C SER B 543 -9.33 -8.56 -38.30
N GLN B 544 -9.68 -9.80 -37.90
CA GLN B 544 -11.00 -10.08 -37.35
C GLN B 544 -11.04 -11.21 -36.33
N LEU B 545 -9.88 -11.72 -35.95
CA LEU B 545 -9.86 -12.79 -34.97
C LEU B 545 -10.34 -12.31 -33.62
N ASP B 546 -11.21 -13.11 -33.03
CA ASP B 546 -11.78 -12.82 -31.73
C ASP B 546 -10.73 -13.04 -30.62
N LEU B 547 -9.52 -12.54 -30.84
CA LEU B 547 -8.47 -12.70 -29.85
C LEU B 547 -8.80 -11.90 -28.59
N SER B 548 -9.84 -12.35 -27.91
CA SER B 548 -10.28 -11.75 -26.66
C SER B 548 -9.13 -11.43 -25.72
N GLY B 549 -8.99 -12.22 -24.67
CA GLY B 549 -7.91 -11.95 -23.73
C GLY B 549 -6.95 -13.10 -23.72
N TRP B 550 -6.11 -13.17 -24.76
CA TRP B 550 -5.19 -14.29 -24.90
C TRP B 550 -3.91 -14.19 -24.12
N PHE B 551 -3.06 -13.31 -24.61
CA PHE B 551 -1.76 -13.14 -24.03
C PHE B 551 -1.86 -11.90 -23.21
N VAL B 552 -2.59 -12.07 -22.10
CA VAL B 552 -2.86 -11.05 -21.08
C VAL B 552 -2.18 -11.49 -19.77
N ALA B 553 -2.53 -12.70 -19.32
CA ALA B 553 -2.00 -13.24 -18.07
C ALA B 553 -2.09 -14.77 -17.95
N GLY B 554 -1.17 -15.32 -17.18
CA GLY B 554 -1.16 -16.75 -16.96
C GLY B 554 -2.12 -17.12 -15.85
N TYR B 555 -2.76 -18.28 -15.95
CA TYR B 555 -3.73 -18.70 -14.95
C TYR B 555 -3.55 -20.18 -14.62
N SER B 556 -2.32 -20.67 -14.78
CA SER B 556 -1.96 -22.08 -14.51
C SER B 556 -2.22 -22.52 -13.07
N GLY B 557 -3.32 -23.27 -12.88
CA GLY B 557 -3.71 -23.78 -11.57
C GLY B 557 -4.78 -22.88 -10.98
N GLY B 558 -5.13 -21.84 -11.72
CA GLY B 558 -6.13 -20.90 -11.24
C GLY B 558 -7.59 -21.27 -11.45
N ASP B 559 -7.90 -22.46 -11.97
CA ASP B 559 -9.28 -22.87 -12.21
C ASP B 559 -9.98 -21.79 -13.08
N ILE B 560 -9.25 -21.27 -14.05
CA ILE B 560 -9.77 -20.25 -14.96
C ILE B 560 -10.25 -20.83 -16.30
N TYR B 561 -11.38 -20.32 -16.77
CA TYR B 561 -12.01 -20.75 -18.00
C TYR B 561 -12.44 -19.55 -18.82
N HIS B 562 -11.58 -19.07 -19.70
CA HIS B 562 -11.96 -17.94 -20.52
C HIS B 562 -12.76 -18.47 -21.72
N SER B 563 -13.89 -17.82 -22.00
CA SER B 563 -14.78 -18.23 -23.10
C SER B 563 -15.23 -17.04 -23.94
S SO4 C . -15.08 25.25 12.91
O1 SO4 C . -16.47 25.67 13.24
O2 SO4 C . -14.90 23.83 13.26
O3 SO4 C . -14.13 26.08 13.67
O4 SO4 C . -14.84 25.45 11.47
S SO4 D . -5.69 18.11 13.56
O1 SO4 D . -5.79 17.06 14.59
O2 SO4 D . -5.70 17.49 12.21
O3 SO4 D . -6.86 19.01 13.65
O4 SO4 D . -4.44 18.87 13.75
C1 1BI E . 2.11 -44.15 -36.39
C2 1BI E . 2.83 -44.53 -35.17
C3 1BI E . 2.84 -43.65 -33.99
C4 1BI E . 2.13 -42.38 -34.06
C5 1BI E . 1.41 -41.99 -35.30
C6 1BI E . 1.40 -42.88 -36.44
N7 1BI E . 3.46 -43.77 -32.71
C8 1BI E . 3.14 -42.57 -31.95
C9 1BI E . 2.33 -41.70 -32.78
C10 1BI E . 1.74 -40.29 -32.38
C11 1BI E . 2.39 -39.15 -33.25
C12 1BI E . 1.82 -37.74 -32.93
C13 1BI E . 0.27 -37.70 -32.99
C14 1BI E . -0.43 -38.84 -32.19
C15 1BI E . 0.15 -40.26 -32.49
C16 1BI E . 3.61 -42.30 -30.56
C17 1BI E . 3.41 -43.11 -29.41
C18 1BI E . 4.03 -42.44 -28.36
O19 1BI E . 4.59 -41.27 -28.80
C20 1BI E . 4.32 -41.19 -30.15
C21 1BI E . 2.09 -45.07 -37.61
O22 1BI E . 1.63 -44.81 -38.75
N23 1BI E . 2.72 -46.36 -37.17
C24 1BI E . 4.29 -44.93 -32.22
C25 1BI E . 3.54 -46.32 -32.14
O26 1BI E . 2.30 -46.39 -32.39
N27 1BI E . 4.28 -47.56 -31.80
C28 1BI E . 5.78 -47.52 -31.50
C29 1BI E . 6.10 -48.25 -30.15
O30 1BI E . 5.38 -49.65 -30.03
C31 1BI E . 3.84 -49.63 -30.42
C32 1BI E . 3.56 -48.88 -31.75
S36 1BI E . 2.83 -47.52 -38.19
O37 1BI E . 3.19 -47.05 -39.42
O38 1BI E . 3.74 -48.41 -37.72
C39 1BI E . 1.19 -48.31 -38.30
C40 1BI E . 0.10 -47.61 -38.93
C41 1BI E . -1.20 -48.20 -39.02
C42 1BI E . -1.41 -49.51 -38.46
C43 1BI E . -0.32 -50.23 -37.83
C44 1BI E . 0.97 -49.61 -37.74
S SO4 F . 11.27 -29.17 -10.49
O1 SO4 F . 11.20 -30.43 -9.73
O2 SO4 F . 10.94 -29.42 -11.90
O3 SO4 F . 10.32 -28.18 -9.93
O4 SO4 F . 12.63 -28.61 -10.41
S SO4 G . 3.20 -20.83 -12.95
O1 SO4 G . 1.91 -21.13 -12.30
O2 SO4 G . 3.76 -22.07 -13.52
O3 SO4 G . 4.14 -20.31 -11.95
O4 SO4 G . 2.99 -19.83 -14.02
#